data_2K5S
#
_entry.id   2K5S
#
_entity_poly.entity_id   1
_entity_poly.type   'polypeptide(L)'
_entity_poly.pdbx_seq_one_letter_code
;GTKTDYLMRLRKCTTIDTLERVIEKNKYELSDDELELFYSAADHRLAELTMNKLYDKIPPTVWQHVKHHHHHH
;
_entity_poly.pdbx_strand_id   A
#
# COMPACT_ATOMS: atom_id res chain seq x y z
N GLY A 1 0.17 18.30 1.26
CA GLY A 1 0.45 16.93 0.75
C GLY A 1 -0.15 15.91 1.71
N THR A 2 -1.49 15.82 1.73
CA THR A 2 -2.18 14.89 2.61
C THR A 2 -2.10 13.47 2.04
N LYS A 3 -2.38 12.49 2.89
CA LYS A 3 -2.35 11.07 2.50
C LYS A 3 -3.41 10.74 1.45
N THR A 4 -4.38 11.61 1.23
CA THR A 4 -5.37 11.36 0.17
C THR A 4 -4.62 11.05 -1.16
N ASP A 5 -3.77 11.98 -1.58
CA ASP A 5 -2.96 11.86 -2.81
C ASP A 5 -2.16 10.56 -2.88
N TYR A 6 -1.62 10.17 -1.74
CA TYR A 6 -0.82 8.95 -1.61
C TYR A 6 -1.66 7.71 -1.85
N LEU A 7 -2.67 7.54 -1.01
CA LEU A 7 -3.52 6.37 -1.09
C LEU A 7 -4.28 6.32 -2.40
N MET A 8 -4.79 7.46 -2.88
CA MET A 8 -5.59 7.39 -4.11
C MET A 8 -4.64 7.00 -5.24
N ARG A 9 -3.63 7.83 -5.46
CA ARG A 9 -2.71 7.61 -6.56
C ARG A 9 -2.18 6.16 -6.56
N LEU A 10 -1.76 5.68 -5.40
CA LEU A 10 -1.28 4.30 -5.31
C LEU A 10 -2.41 3.30 -5.57
N ARG A 11 -3.46 3.47 -4.77
CA ARG A 11 -4.57 2.50 -4.77
C ARG A 11 -5.13 2.27 -6.18
N LYS A 12 -4.93 3.19 -7.14
CA LYS A 12 -5.43 2.98 -8.52
C LYS A 12 -4.32 2.36 -9.39
N CYS A 13 -3.15 2.09 -8.80
CA CYS A 13 -2.05 1.47 -9.56
C CYS A 13 -2.57 0.29 -10.40
N THR A 14 -3.32 -0.59 -9.73
CA THR A 14 -3.97 -1.74 -10.39
C THR A 14 -3.05 -2.98 -10.53
N THR A 15 -1.73 -2.83 -10.32
CA THR A 15 -0.81 -3.99 -10.46
C THR A 15 0.30 -3.97 -9.41
N ILE A 16 0.57 -5.14 -8.86
CA ILE A 16 1.63 -5.25 -7.85
C ILE A 16 2.99 -5.00 -8.50
N ASP A 17 3.35 -5.83 -9.48
CA ASP A 17 4.67 -5.72 -10.09
C ASP A 17 4.98 -4.30 -10.56
N THR A 18 3.90 -3.55 -10.80
CA THR A 18 4.01 -2.13 -11.21
C THR A 18 4.34 -1.29 -9.98
N LEU A 19 3.61 -1.53 -8.89
CA LEU A 19 3.78 -0.77 -7.67
C LEU A 19 5.27 -0.55 -7.36
N GLU A 20 6.06 -1.55 -7.72
CA GLU A 20 7.51 -1.45 -7.59
C GLU A 20 8.03 -0.36 -8.51
N ARG A 21 7.69 -0.48 -9.79
CA ARG A 21 8.21 0.47 -10.78
C ARG A 21 8.02 1.92 -10.30
N VAL A 22 6.83 2.27 -9.84
CA VAL A 22 6.58 3.63 -9.34
C VAL A 22 7.41 3.93 -8.07
N ILE A 23 7.33 3.02 -7.10
CA ILE A 23 7.99 3.27 -5.80
C ILE A 23 9.43 3.79 -6.00
N GLU A 24 10.24 3.15 -6.85
CA GLU A 24 11.61 3.61 -7.09
C GLU A 24 11.62 5.07 -7.61
N LYS A 25 10.55 5.41 -8.31
CA LYS A 25 10.42 6.78 -8.84
C LYS A 25 10.30 7.74 -7.64
N ASN A 26 9.32 7.47 -6.78
CA ASN A 26 9.06 8.27 -5.57
C ASN A 26 10.30 8.42 -4.69
N LYS A 27 11.19 7.46 -4.84
CA LYS A 27 12.35 7.38 -3.96
C LYS A 27 13.09 8.71 -3.80
N TYR A 28 13.51 9.40 -4.86
CA TYR A 28 14.26 10.67 -4.68
C TYR A 28 13.38 11.92 -4.78
N GLU A 29 12.33 11.87 -5.63
CA GLU A 29 11.47 13.06 -5.79
C GLU A 29 10.59 13.29 -4.56
N LEU A 30 10.66 12.38 -3.59
CA LEU A 30 9.92 12.49 -2.32
C LEU A 30 10.99 12.63 -1.25
N SER A 31 10.95 11.87 -0.14
CA SER A 31 12.04 11.99 0.84
C SER A 31 11.93 10.89 1.88
N ASP A 32 13.02 10.57 2.53
CA ASP A 32 12.97 9.52 3.53
C ASP A 32 11.83 9.80 4.55
N ASP A 33 11.92 10.96 5.20
CA ASP A 33 11.00 11.34 6.30
C ASP A 33 9.53 11.08 5.94
N GLU A 34 9.39 11.28 4.64
CA GLU A 34 8.12 11.15 3.92
C GLU A 34 7.81 9.69 3.60
N LEU A 35 8.80 8.98 3.07
CA LEU A 35 8.59 7.60 2.60
C LEU A 35 7.71 6.80 3.58
N GLU A 36 7.61 7.19 4.86
CA GLU A 36 6.78 6.41 5.77
C GLU A 36 5.36 6.37 5.20
N LEU A 37 5.03 7.53 4.64
CA LEU A 37 3.72 7.77 4.02
C LEU A 37 3.50 6.67 2.97
N PHE A 38 4.45 6.56 2.06
CA PHE A 38 4.38 5.60 0.95
C PHE A 38 4.38 4.13 1.45
N TYR A 39 5.11 3.90 2.52
CA TYR A 39 5.17 2.54 3.11
C TYR A 39 3.92 2.27 3.92
N SER A 40 3.65 3.09 4.89
CA SER A 40 2.48 2.94 5.73
C SER A 40 1.19 2.94 4.90
N ALA A 41 1.21 3.73 3.81
CA ALA A 41 0.01 3.84 2.94
C ALA A 41 -0.11 2.64 2.00
N ALA A 42 0.91 2.43 1.19
CA ALA A 42 0.90 1.39 0.15
C ALA A 42 0.48 0.00 0.65
N ASP A 43 0.85 -0.34 1.89
CA ASP A 43 0.50 -1.67 2.41
C ASP A 43 -1.00 -1.90 2.28
N HIS A 44 -1.77 -0.92 2.70
CA HIS A 44 -3.23 -1.01 2.69
C HIS A 44 -3.72 -1.60 1.35
N ARG A 45 -3.10 -1.13 0.28
CA ARG A 45 -3.39 -1.56 -1.10
C ARG A 45 -2.87 -2.98 -1.43
N LEU A 46 -2.02 -3.58 -0.59
CA LEU A 46 -1.49 -4.93 -0.91
C LEU A 46 -2.50 -6.08 -0.65
N ALA A 47 -3.14 -6.11 0.53
CA ALA A 47 -4.09 -7.22 0.87
C ALA A 47 -5.26 -7.33 -0.13
N GLU A 48 -5.70 -6.18 -0.58
CA GLU A 48 -6.78 -6.17 -1.59
C GLU A 48 -6.23 -6.88 -2.83
N LEU A 49 -5.08 -6.41 -3.31
CA LEU A 49 -4.44 -7.01 -4.47
C LEU A 49 -4.19 -8.50 -4.26
N THR A 50 -3.83 -8.87 -3.03
CA THR A 50 -3.53 -10.26 -2.73
C THR A 50 -4.72 -11.13 -3.14
N MET A 51 -5.93 -10.61 -2.99
CA MET A 51 -7.15 -11.32 -3.42
C MET A 51 -7.53 -10.64 -4.75
N ASN A 52 -8.49 -9.71 -4.72
CA ASN A 52 -8.83 -8.96 -5.94
C ASN A 52 -9.97 -7.97 -5.71
N LYS A 53 -10.25 -7.59 -4.45
CA LYS A 53 -11.33 -6.65 -4.12
C LYS A 53 -10.76 -5.31 -3.64
N LEU A 54 -11.39 -4.72 -2.62
CA LEU A 54 -11.00 -3.40 -2.11
C LEU A 54 -10.92 -3.37 -0.58
N TYR A 55 -9.71 -3.29 0.02
CA TYR A 55 -9.62 -3.21 1.50
C TYR A 55 -9.82 -1.72 1.86
N ASP A 56 -9.20 -1.19 2.95
CA ASP A 56 -9.34 0.25 3.32
C ASP A 56 -9.21 0.48 4.85
N LYS A 57 -8.01 0.25 5.39
CA LYS A 57 -7.58 0.48 6.81
C LYS A 57 -7.34 -0.90 7.43
N ILE A 58 -6.12 -1.49 7.55
CA ILE A 58 -6.02 -2.88 8.12
C ILE A 58 -5.12 -3.04 9.41
N PRO A 59 -5.53 -3.83 10.42
CA PRO A 59 -4.65 -4.15 11.61
C PRO A 59 -3.26 -4.68 11.19
N PRO A 60 -2.26 -4.57 12.03
CA PRO A 60 -0.89 -5.10 11.72
C PRO A 60 -0.90 -6.64 11.59
N THR A 61 -2.00 -7.24 12.05
CA THR A 61 -2.21 -8.69 12.02
C THR A 61 -2.12 -9.30 10.62
N VAL A 62 -2.77 -8.64 9.68
CA VAL A 62 -2.84 -9.10 8.29
C VAL A 62 -1.49 -9.18 7.58
N TRP A 63 -0.71 -8.11 7.64
CA TRP A 63 0.57 -8.06 6.93
C TRP A 63 1.50 -9.21 7.29
N GLN A 64 1.17 -9.93 8.39
CA GLN A 64 1.96 -11.16 8.76
C GLN A 64 1.38 -12.38 8.02
N HIS A 65 0.08 -12.33 7.70
CA HIS A 65 -0.62 -13.44 7.03
C HIS A 65 -0.94 -13.13 5.56
N VAL A 66 -1.63 -12.03 5.33
CA VAL A 66 -2.02 -11.64 3.97
C VAL A 66 -2.79 -12.80 3.32
N LYS A 67 -3.79 -13.33 4.03
CA LYS A 67 -4.60 -14.44 3.52
C LYS A 67 -6.00 -14.42 4.15
N HIS A 68 -6.04 -14.31 5.47
CA HIS A 68 -7.30 -14.30 6.18
C HIS A 68 -8.23 -13.19 5.67
N HIS A 69 -9.53 -13.45 5.71
CA HIS A 69 -10.53 -12.49 5.28
C HIS A 69 -11.92 -13.02 5.59
N HIS A 70 -12.96 -12.29 5.18
CA HIS A 70 -14.34 -12.72 5.45
C HIS A 70 -15.31 -12.05 4.48
N HIS A 71 -16.27 -12.83 3.99
CA HIS A 71 -17.27 -12.31 3.06
C HIS A 71 -18.31 -11.50 3.82
N HIS A 72 -19.10 -10.72 3.08
CA HIS A 72 -20.13 -9.90 3.70
C HIS A 72 -21.02 -9.25 2.63
N HIS A 73 -22.23 -8.87 3.02
CA HIS A 73 -23.17 -8.25 2.10
C HIS A 73 -22.54 -7.01 1.46
N GLY A 1 0.18 18.34 1.45
CA GLY A 1 0.60 16.96 1.05
C GLY A 1 0.03 15.94 2.04
N THR A 2 -1.30 15.84 2.07
CA THR A 2 -1.97 14.91 2.98
C THR A 2 -1.90 13.48 2.44
N LYS A 3 -2.17 12.52 3.32
CA LYS A 3 -2.15 11.09 2.97
C LYS A 3 -3.25 10.75 1.94
N THR A 4 -4.23 11.63 1.75
CA THR A 4 -5.24 11.37 0.72
C THR A 4 -4.53 11.02 -0.62
N ASP A 5 -3.65 11.92 -1.06
CA ASP A 5 -2.87 11.75 -2.30
C ASP A 5 -2.09 10.43 -2.33
N TYR A 6 -1.56 10.04 -1.19
CA TYR A 6 -0.79 8.81 -1.07
C TYR A 6 -1.66 7.58 -1.26
N LEU A 7 -2.67 7.45 -0.42
CA LEU A 7 -3.54 6.29 -0.45
C LEU A 7 -4.34 6.23 -1.74
N MET A 8 -4.85 7.38 -2.20
CA MET A 8 -5.69 7.33 -3.41
C MET A 8 -4.78 6.89 -4.56
N ARG A 9 -3.75 7.67 -4.81
CA ARG A 9 -2.85 7.39 -5.93
C ARG A 9 -2.39 5.93 -5.92
N LEU A 10 -1.97 5.44 -4.76
CA LEU A 10 -1.54 4.04 -4.65
C LEU A 10 -2.71 3.08 -4.81
N ARG A 11 -3.72 3.30 -3.98
CA ARG A 11 -4.85 2.35 -3.92
C ARG A 11 -5.48 2.11 -5.29
N LYS A 12 -5.25 2.98 -6.28
CA LYS A 12 -5.81 2.76 -7.65
C LYS A 12 -4.76 2.10 -8.54
N CYS A 13 -3.58 1.78 -7.99
CA CYS A 13 -2.52 1.12 -8.77
C CYS A 13 -3.12 -0.09 -9.49
N THR A 14 -3.88 -0.88 -8.74
CA THR A 14 -4.58 -2.06 -9.28
C THR A 14 -3.66 -3.26 -9.53
N THR A 15 -2.33 -3.13 -9.35
CA THR A 15 -1.41 -4.27 -9.58
C THR A 15 -0.27 -4.28 -8.56
N ILE A 16 0.03 -5.48 -8.08
CA ILE A 16 1.12 -5.63 -7.11
C ILE A 16 2.45 -5.40 -7.82
N ASP A 17 2.76 -6.22 -8.82
CA ASP A 17 4.05 -6.14 -9.48
C ASP A 17 4.38 -4.71 -9.91
N THR A 18 3.32 -3.93 -10.08
CA THR A 18 3.45 -2.49 -10.43
C THR A 18 3.81 -1.70 -9.19
N LEU A 19 3.11 -1.98 -8.09
CA LEU A 19 3.32 -1.24 -6.84
C LEU A 19 4.82 -1.07 -6.56
N GLU A 20 5.57 -2.08 -6.95
CA GLU A 20 7.03 -2.03 -6.84
C GLU A 20 7.56 -0.94 -7.76
N ARG A 21 7.16 -1.04 -9.03
CA ARG A 21 7.68 -0.11 -10.04
C ARG A 21 7.55 1.35 -9.54
N VAL A 22 6.38 1.74 -9.05
CA VAL A 22 6.19 3.11 -8.57
C VAL A 22 7.03 3.38 -7.29
N ILE A 23 6.92 2.48 -6.32
CA ILE A 23 7.59 2.71 -5.03
C ILE A 23 9.05 3.17 -5.23
N GLU A 24 9.83 2.50 -6.05
CA GLU A 24 11.21 2.93 -6.29
C GLU A 24 11.23 4.36 -6.86
N LYS A 25 10.20 4.63 -7.66
CA LYS A 25 10.10 5.97 -8.27
C LYS A 25 10.05 7.00 -7.12
N ASN A 26 9.08 6.83 -6.21
CA ASN A 26 8.90 7.74 -5.08
C ASN A 26 10.20 8.01 -4.34
N LYS A 27 11.06 7.02 -4.38
CA LYS A 27 12.35 7.16 -3.70
C LYS A 27 13.06 8.40 -4.30
N TYR A 28 13.32 8.31 -5.58
CA TYR A 28 14.03 9.34 -6.33
C TYR A 28 13.28 10.68 -6.40
N GLU A 29 12.19 10.85 -5.63
CA GLU A 29 11.44 12.12 -5.65
C GLU A 29 10.69 12.40 -4.35
N LEU A 30 10.85 11.51 -3.36
CA LEU A 30 10.23 11.68 -2.03
C LEU A 30 11.40 11.70 -1.06
N SER A 31 11.34 11.06 0.13
CA SER A 31 12.51 11.05 1.01
C SER A 31 12.28 10.10 2.18
N ASP A 32 13.35 9.56 2.71
CA ASP A 32 13.23 8.60 3.83
C ASP A 32 12.18 9.09 4.87
N ASP A 33 12.40 10.29 5.39
CA ASP A 33 11.57 10.88 6.46
C ASP A 33 10.05 10.75 6.20
N GLU A 34 9.84 10.91 4.89
CA GLU A 34 8.52 10.88 4.25
C GLU A 34 8.05 9.43 4.01
N LEU A 35 8.95 8.61 3.47
CA LEU A 35 8.61 7.26 3.07
C LEU A 35 7.72 6.55 4.11
N GLU A 36 7.71 6.99 5.37
CA GLU A 36 6.89 6.28 6.37
C GLU A 36 5.45 6.22 5.85
N LEU A 37 5.12 7.37 5.28
CA LEU A 37 3.79 7.61 4.70
C LEU A 37 3.53 6.50 3.67
N PHE A 38 4.47 6.35 2.75
CA PHE A 38 4.38 5.36 1.68
C PHE A 38 4.39 3.90 2.22
N TYR A 39 5.18 3.67 3.26
CA TYR A 39 5.23 2.32 3.85
C TYR A 39 3.98 2.07 4.69
N SER A 40 3.76 2.89 5.67
CA SER A 40 2.59 2.75 6.51
C SER A 40 1.30 2.73 5.68
N ALA A 41 1.27 3.56 4.64
CA ALA A 41 0.06 3.66 3.78
C ALA A 41 -0.03 2.48 2.80
N ALA A 42 1.00 2.31 1.97
CA ALA A 42 0.96 1.28 0.91
C ALA A 42 0.56 -0.11 1.40
N ASP A 43 0.96 -0.48 2.61
CA ASP A 43 0.66 -1.81 3.13
C ASP A 43 -0.86 -2.06 3.04
N HIS A 44 -1.62 -1.12 3.58
CA HIS A 44 -3.08 -1.24 3.64
C HIS A 44 -3.64 -1.79 2.31
N ARG A 45 -3.09 -1.30 1.21
CA ARG A 45 -3.48 -1.68 -0.15
C ARG A 45 -3.04 -3.12 -0.54
N LEU A 46 -2.18 -3.77 0.26
CA LEU A 46 -1.72 -5.13 -0.08
C LEU A 46 -2.74 -6.27 0.24
N ALA A 47 -3.32 -6.29 1.45
CA ALA A 47 -4.27 -7.36 1.84
C ALA A 47 -5.49 -7.45 0.90
N GLU A 48 -5.91 -6.30 0.45
CA GLU A 48 -7.02 -6.24 -0.51
C GLU A 48 -6.55 -6.99 -1.77
N LEU A 49 -5.40 -6.58 -2.30
CA LEU A 49 -4.82 -7.19 -3.49
C LEU A 49 -4.60 -8.69 -3.30
N THR A 50 -4.22 -9.08 -2.09
CA THR A 50 -3.97 -10.50 -1.81
C THR A 50 -5.20 -11.31 -2.23
N MET A 51 -6.39 -10.74 -2.02
CA MET A 51 -7.65 -11.38 -2.46
C MET A 51 -8.02 -10.66 -3.76
N ASN A 52 -8.95 -9.69 -3.71
CA ASN A 52 -9.30 -8.89 -4.90
C ASN A 52 -10.45 -7.93 -4.61
N LYS A 53 -10.56 -7.42 -3.36
CA LYS A 53 -11.64 -6.48 -2.98
C LYS A 53 -11.05 -5.16 -2.50
N LEU A 54 -11.63 -4.58 -1.45
CA LEU A 54 -11.22 -3.26 -0.94
C LEU A 54 -11.11 -3.25 0.59
N TYR A 55 -9.90 -3.33 1.17
CA TYR A 55 -9.79 -3.28 2.64
C TYR A 55 -9.97 -1.80 3.04
N ASP A 56 -9.30 -1.32 4.12
CA ASP A 56 -9.38 0.09 4.55
C ASP A 56 -9.20 0.21 6.08
N LYS A 57 -7.98 -0.10 6.56
CA LYS A 57 -7.53 -0.01 7.95
C LYS A 57 -7.05 -1.44 8.28
N ILE A 58 -5.76 -1.77 8.48
CA ILE A 58 -5.37 -3.21 8.74
C ILE A 58 -4.81 -3.45 10.18
N PRO A 59 -5.42 -4.32 10.99
CA PRO A 59 -4.83 -4.70 12.31
C PRO A 59 -3.38 -5.20 12.10
N PRO A 60 -2.55 -5.16 13.11
CA PRO A 60 -1.13 -5.63 13.02
C PRO A 60 -1.03 -7.15 12.80
N THR A 61 -2.16 -7.83 13.02
CA THR A 61 -2.26 -9.29 12.91
C THR A 61 -2.05 -9.84 11.49
N VAL A 62 -2.57 -9.12 10.50
CA VAL A 62 -2.53 -9.57 9.09
C VAL A 62 -1.15 -9.71 8.44
N TRP A 63 -0.32 -8.68 8.53
CA TRP A 63 0.98 -8.71 7.82
C TRP A 63 1.85 -9.91 8.17
N GLN A 64 1.50 -10.65 9.25
CA GLN A 64 2.22 -11.94 9.55
C GLN A 64 1.55 -13.10 8.79
N HIS A 65 0.24 -12.99 8.52
CA HIS A 65 -0.52 -14.04 7.80
C HIS A 65 -0.82 -13.65 6.36
N VAL A 66 -1.57 -12.57 6.16
CA VAL A 66 -1.91 -12.14 4.82
C VAL A 66 -2.66 -13.25 4.09
N LYS A 67 -3.67 -13.81 4.77
CA LYS A 67 -4.48 -14.89 4.21
C LYS A 67 -5.86 -14.94 4.89
N HIS A 68 -5.89 -14.56 6.16
CA HIS A 68 -7.15 -14.58 6.92
C HIS A 68 -8.07 -13.44 6.49
N HIS A 69 -9.37 -13.71 6.52
CA HIS A 69 -10.38 -12.73 6.14
C HIS A 69 -11.77 -13.27 6.44
N HIS A 70 -12.82 -12.54 6.04
CA HIS A 70 -14.19 -12.98 6.30
C HIS A 70 -15.16 -12.31 5.34
N HIS A 71 -16.12 -13.08 4.84
CA HIS A 71 -17.12 -12.56 3.92
C HIS A 71 -18.16 -11.74 4.67
N HIS A 72 -18.86 -10.87 3.96
CA HIS A 72 -19.89 -10.04 4.58
C HIS A 72 -20.68 -9.28 3.52
N HIS A 73 -21.88 -8.83 3.90
CA HIS A 73 -22.74 -8.10 2.97
C HIS A 73 -22.08 -6.78 2.57
N GLY A 1 0.37 17.97 1.62
CA GLY A 1 0.99 16.65 1.34
C GLY A 1 0.38 15.59 2.26
N THR A 2 -0.95 15.52 2.26
CA THR A 2 -1.65 14.55 3.10
C THR A 2 -1.56 13.16 2.48
N LYS A 3 -1.83 12.15 3.30
CA LYS A 3 -1.79 10.75 2.86
C LYS A 3 -2.86 10.45 1.80
N THR A 4 -3.86 11.30 1.63
CA THR A 4 -4.85 11.07 0.57
C THR A 4 -4.13 10.86 -0.79
N ASP A 5 -3.32 11.85 -1.18
CA ASP A 5 -2.55 11.81 -2.44
C ASP A 5 -1.72 10.55 -2.62
N TYR A 6 -1.13 10.11 -1.52
CA TYR A 6 -0.28 8.92 -1.50
C TYR A 6 -1.07 7.66 -1.77
N LEU A 7 -2.05 7.40 -0.93
CA LEU A 7 -2.84 6.20 -1.04
C LEU A 7 -3.55 6.15 -2.38
N MET A 8 -4.04 7.30 -2.87
CA MET A 8 -4.79 7.24 -4.13
C MET A 8 -3.81 6.92 -5.26
N ARG A 9 -2.82 7.77 -5.45
CA ARG A 9 -1.89 7.59 -6.55
C ARG A 9 -1.32 6.16 -6.56
N LEU A 10 -0.87 5.67 -5.42
CA LEU A 10 -0.35 4.30 -5.37
C LEU A 10 -1.45 3.28 -5.64
N ARG A 11 -2.50 3.38 -4.84
CA ARG A 11 -3.57 2.38 -4.89
C ARG A 11 -4.13 2.19 -6.31
N LYS A 12 -3.90 3.15 -7.23
CA LYS A 12 -4.39 2.99 -8.63
C LYS A 12 -3.25 2.46 -9.51
N CYS A 13 -2.06 2.25 -8.91
CA CYS A 13 -0.91 1.71 -9.67
C CYS A 13 -1.37 0.52 -10.52
N THR A 14 -2.05 -0.42 -9.86
CA THR A 14 -2.63 -1.60 -10.54
C THR A 14 -1.66 -2.78 -10.69
N THR A 15 -0.34 -2.59 -10.43
CA THR A 15 0.62 -3.71 -10.56
C THR A 15 1.67 -3.67 -9.45
N ILE A 16 1.94 -4.85 -8.90
CA ILE A 16 2.91 -4.93 -7.80
C ILE A 16 4.29 -4.51 -8.31
N ASP A 17 4.79 -5.22 -9.32
CA ASP A 17 6.15 -4.97 -9.84
C ASP A 17 6.36 -3.50 -10.22
N THR A 18 5.25 -2.80 -10.45
CA THR A 18 5.30 -1.36 -10.79
C THR A 18 5.57 -0.54 -9.52
N LEU A 19 4.84 -0.86 -8.46
CA LEU A 19 4.96 -0.12 -7.19
C LEU A 19 6.45 0.14 -6.86
N GLU A 20 7.29 -0.75 -7.30
CA GLU A 20 8.74 -0.60 -7.15
C GLU A 20 9.23 0.62 -7.96
N ARG A 21 8.89 0.60 -9.23
CA ARG A 21 9.40 1.64 -10.15
C ARG A 21 9.23 3.06 -9.58
N VAL A 22 8.04 3.41 -9.07
CA VAL A 22 7.83 4.77 -8.54
C VAL A 22 8.59 5.03 -7.22
N ILE A 23 8.45 4.11 -6.27
CA ILE A 23 9.04 4.32 -4.93
C ILE A 23 10.48 4.89 -5.02
N GLU A 24 11.34 4.35 -5.86
CA GLU A 24 12.70 4.89 -6.01
C GLU A 24 12.65 6.38 -6.43
N LYS A 25 11.60 6.69 -7.18
CA LYS A 25 11.43 8.09 -7.63
C LYS A 25 11.26 8.98 -6.38
N ASN A 26 10.27 8.66 -5.54
CA ASN A 26 9.98 9.39 -4.30
C ASN A 26 11.19 9.55 -3.38
N LYS A 27 12.11 8.60 -3.53
CA LYS A 27 13.25 8.50 -2.62
C LYS A 27 14.00 9.81 -2.40
N TYR A 28 14.47 10.53 -3.43
CA TYR A 28 15.23 11.78 -3.21
C TYR A 28 14.37 13.04 -3.37
N GLU A 29 13.04 12.91 -3.51
CA GLU A 29 12.16 14.08 -3.72
C GLU A 29 11.07 14.22 -2.64
N LEU A 30 11.00 13.31 -1.65
CA LEU A 30 9.98 13.39 -0.57
C LEU A 30 10.69 13.70 0.75
N SER A 31 11.60 12.80 1.15
CA SER A 31 12.48 12.96 2.32
C SER A 31 12.59 11.62 3.03
N ASP A 32 13.39 11.55 4.08
CA ASP A 32 13.54 10.27 4.79
C ASP A 32 12.39 9.91 5.75
N ASP A 33 12.19 10.70 6.83
CA ASP A 33 11.22 10.28 7.88
C ASP A 33 9.83 10.04 7.30
N GLU A 34 9.63 10.87 6.31
CA GLU A 34 8.38 10.94 5.57
C GLU A 34 8.09 9.55 5.03
N LEU A 35 9.07 8.93 4.40
CA LEU A 35 8.85 7.64 3.76
C LEU A 35 8.02 6.68 4.65
N GLU A 36 7.92 6.93 5.96
CA GLU A 36 7.12 6.02 6.79
C GLU A 36 5.69 6.01 6.21
N LEU A 37 5.33 7.20 5.76
CA LEU A 37 4.02 7.43 5.15
C LEU A 37 3.91 6.48 3.95
N PHE A 38 4.89 6.58 3.06
CA PHE A 38 4.95 5.80 1.83
C PHE A 38 5.05 4.28 2.10
N TYR A 39 5.73 3.94 3.18
CA TYR A 39 5.83 2.52 3.60
C TYR A 39 4.56 2.11 4.32
N SER A 40 4.21 2.83 5.36
CA SER A 40 3.02 2.52 6.12
C SER A 40 1.77 2.54 5.23
N ALA A 41 1.76 3.44 4.24
CA ALA A 41 0.60 3.56 3.33
C ALA A 41 0.61 2.47 2.27
N ALA A 42 1.68 2.44 1.48
CA ALA A 42 1.81 1.53 0.36
C ALA A 42 1.54 0.06 0.71
N ASP A 43 1.93 -0.37 1.91
CA ASP A 43 1.73 -1.78 2.28
C ASP A 43 0.26 -2.15 2.07
N HIS A 44 -0.61 -1.32 2.63
CA HIS A 44 -2.05 -1.56 2.58
C HIS A 44 -2.48 -2.05 1.18
N ARG A 45 -1.90 -1.43 0.17
CA ARG A 45 -2.16 -1.76 -1.23
C ARG A 45 -1.60 -3.15 -1.64
N LEU A 46 -0.76 -3.74 -0.81
CA LEU A 46 -0.18 -5.07 -1.12
C LEU A 46 -1.15 -6.26 -0.88
N ALA A 47 -1.76 -6.34 0.32
CA ALA A 47 -2.68 -7.47 0.66
C ALA A 47 -3.86 -7.57 -0.34
N GLU A 48 -4.33 -6.41 -0.73
CA GLU A 48 -5.41 -6.35 -1.72
C GLU A 48 -4.87 -7.00 -3.00
N LEU A 49 -3.74 -6.50 -3.47
CA LEU A 49 -3.09 -7.01 -4.68
C LEU A 49 -2.81 -8.50 -4.57
N THR A 50 -2.44 -8.95 -3.38
CA THR A 50 -2.13 -10.37 -3.16
C THR A 50 -3.32 -11.22 -3.64
N MET A 51 -4.53 -10.68 -3.46
CA MET A 51 -5.75 -11.35 -3.94
C MET A 51 -6.17 -10.55 -5.19
N ASN A 52 -7.20 -9.70 -5.09
CA ASN A 52 -7.58 -8.86 -6.22
C ASN A 52 -8.78 -7.96 -5.89
N LYS A 53 -8.96 -7.57 -4.60
CA LYS A 53 -10.09 -6.70 -4.20
C LYS A 53 -9.56 -5.38 -3.63
N LEU A 54 -10.20 -4.89 -2.56
CA LEU A 54 -9.83 -3.60 -1.96
C LEU A 54 -9.75 -3.70 -0.44
N TYR A 55 -8.53 -3.66 0.14
CA TYR A 55 -8.42 -3.73 1.63
C TYR A 55 -8.66 -2.29 2.13
N ASP A 56 -8.01 -1.85 3.24
CA ASP A 56 -8.17 -0.46 3.76
C ASP A 56 -8.04 -0.41 5.31
N LYS A 57 -6.85 -0.74 5.82
CA LYS A 57 -6.44 -0.70 7.24
C LYS A 57 -5.92 -2.11 7.48
N ILE A 58 -4.62 -2.41 7.67
CA ILE A 58 -4.19 -3.83 7.82
C ILE A 58 -3.58 -4.14 9.22
N PRO A 59 -4.19 -5.03 10.01
CA PRO A 59 -3.57 -5.46 11.30
C PRO A 59 -2.14 -5.99 11.06
N PRO A 60 -1.27 -5.96 12.05
CA PRO A 60 0.14 -6.45 11.91
C PRO A 60 0.20 -7.95 11.62
N THR A 61 -0.93 -8.63 11.79
CA THR A 61 -1.05 -10.07 11.59
C THR A 61 -0.85 -10.52 10.15
N VAL A 62 -1.41 -9.76 9.23
CA VAL A 62 -1.39 -10.09 7.81
C VAL A 62 0.00 -10.09 7.15
N TRP A 63 0.77 -9.02 7.34
CA TRP A 63 2.08 -8.91 6.65
C TRP A 63 3.01 -10.08 6.92
N GLN A 64 2.68 -10.91 7.94
CA GLN A 64 3.47 -12.16 8.19
C GLN A 64 2.92 -13.33 7.36
N HIS A 65 1.61 -13.27 7.03
CA HIS A 65 0.94 -14.34 6.25
C HIS A 65 0.61 -13.93 4.83
N VAL A 66 -0.06 -12.80 4.67
CA VAL A 66 -0.47 -12.31 3.37
C VAL A 66 -1.23 -13.41 2.60
N LYS A 67 -2.21 -14.03 3.27
CA LYS A 67 -3.00 -15.09 2.65
C LYS A 67 -4.35 -15.21 3.34
N HIS A 68 -4.36 -14.98 4.65
CA HIS A 68 -5.59 -15.08 5.42
C HIS A 68 -6.54 -13.93 5.11
N HIS A 69 -7.83 -14.20 5.23
CA HIS A 69 -8.87 -13.21 4.97
C HIS A 69 -10.23 -13.76 5.37
N HIS A 70 -11.29 -13.01 5.10
CA HIS A 70 -12.65 -13.45 5.44
C HIS A 70 -13.69 -12.74 4.59
N HIS A 71 -14.64 -13.51 4.07
CA HIS A 71 -15.69 -12.95 3.24
C HIS A 71 -16.68 -12.16 4.10
N HIS A 72 -17.38 -11.21 3.48
CA HIS A 72 -18.35 -10.40 4.21
C HIS A 72 -19.18 -9.55 3.23
N HIS A 73 -20.39 -9.21 3.65
CA HIS A 73 -21.27 -8.41 2.81
C HIS A 73 -20.57 -7.13 2.36
N GLY A 1 0.24 18.35 1.51
CA GLY A 1 0.56 16.99 0.99
C GLY A 1 -0.01 15.93 1.92
N THR A 2 -1.34 15.79 1.90
CA THR A 2 -2.01 14.81 2.76
C THR A 2 -1.86 13.40 2.19
N LYS A 3 -2.10 12.41 3.04
CA LYS A 3 -2.01 10.99 2.67
C LYS A 3 -3.05 10.63 1.59
N THR A 4 -4.05 11.47 1.38
CA THR A 4 -5.02 11.19 0.31
C THR A 4 -4.27 10.89 -1.00
N ASP A 5 -3.41 11.82 -1.41
CA ASP A 5 -2.58 11.69 -2.63
C ASP A 5 -1.77 10.40 -2.67
N TYR A 6 -1.26 10.00 -1.51
CA TYR A 6 -0.45 8.79 -1.36
C TYR A 6 -1.28 7.54 -1.60
N LEU A 7 -2.30 7.36 -0.79
CA LEU A 7 -3.13 6.18 -0.87
C LEU A 7 -3.87 6.09 -2.19
N MET A 8 -4.41 7.22 -2.67
CA MET A 8 -5.18 7.14 -3.91
C MET A 8 -4.21 6.76 -5.02
N ARG A 9 -3.20 7.59 -5.23
CA ARG A 9 -2.24 7.35 -6.31
C ARG A 9 -1.71 5.91 -6.27
N LEU A 10 -1.32 5.45 -5.09
CA LEU A 10 -0.83 4.08 -4.97
C LEU A 10 -1.96 3.07 -5.21
N ARG A 11 -3.01 3.23 -4.41
CA ARG A 11 -4.10 2.25 -4.41
C ARG A 11 -4.68 2.02 -5.82
N LYS A 12 -4.45 2.94 -6.77
CA LYS A 12 -4.95 2.75 -8.15
C LYS A 12 -3.84 2.14 -9.03
N CYS A 13 -2.68 1.85 -8.43
CA CYS A 13 -1.57 1.23 -9.18
C CYS A 13 -2.10 0.03 -9.95
N THR A 14 -2.81 -0.85 -9.25
CA THR A 14 -3.45 -2.03 -9.85
C THR A 14 -2.50 -3.21 -10.07
N THR A 15 -1.18 -3.04 -9.86
CA THR A 15 -0.23 -4.16 -10.05
C THR A 15 0.88 -4.15 -8.99
N ILE A 16 1.20 -5.35 -8.51
CA ILE A 16 2.25 -5.48 -7.51
C ILE A 16 3.60 -5.20 -8.17
N ASP A 17 3.96 -5.99 -9.18
CA ASP A 17 5.28 -5.86 -9.79
C ASP A 17 5.57 -4.41 -10.17
N THR A 18 4.49 -3.65 -10.35
CA THR A 18 4.59 -2.20 -10.67
C THR A 18 4.87 -1.41 -9.40
N LEU A 19 4.14 -1.72 -8.33
CA LEU A 19 4.28 -0.98 -7.07
C LEU A 19 5.76 -0.78 -6.72
N GLU A 20 6.56 -1.77 -7.08
CA GLU A 20 8.01 -1.68 -6.89
C GLU A 20 8.57 -0.58 -7.80
N ARG A 21 8.28 -0.69 -9.08
CA ARG A 21 8.84 0.25 -10.05
C ARG A 21 8.65 1.70 -9.57
N VAL A 22 7.46 2.05 -9.13
CA VAL A 22 7.18 3.41 -8.64
C VAL A 22 7.97 3.71 -7.33
N ILE A 23 7.85 2.82 -6.36
CA ILE A 23 8.47 3.07 -5.03
C ILE A 23 9.91 3.61 -5.19
N GLU A 24 10.74 2.99 -6.03
CA GLU A 24 12.11 3.48 -6.21
C GLU A 24 12.09 4.95 -6.71
N LYS A 25 11.05 5.25 -7.46
CA LYS A 25 10.89 6.61 -7.99
C LYS A 25 10.75 7.56 -6.79
N ASN A 26 9.75 7.30 -5.94
CA ASN A 26 9.46 8.07 -4.73
C ASN A 26 10.68 8.24 -3.83
N LYS A 27 11.58 7.29 -3.95
CA LYS A 27 12.72 7.21 -3.06
C LYS A 27 13.45 8.53 -2.82
N TYR A 28 13.85 9.30 -3.85
CA TYR A 28 14.59 10.55 -3.58
C TYR A 28 13.69 11.78 -3.43
N GLU A 29 12.53 11.80 -4.09
CA GLU A 29 11.63 12.97 -4.02
C GLU A 29 10.87 13.04 -2.68
N LEU A 30 11.03 12.04 -1.82
CA LEU A 30 10.41 12.01 -0.48
C LEU A 30 11.57 11.98 0.53
N SER A 31 12.13 10.77 0.72
CA SER A 31 13.26 10.50 1.60
C SER A 31 12.79 9.80 2.85
N ASP A 32 13.73 9.05 3.41
CA ASP A 32 13.46 8.22 4.59
C ASP A 32 12.43 8.90 5.53
N ASP A 33 12.72 10.14 5.89
CA ASP A 33 11.91 10.93 6.82
C ASP A 33 10.40 10.89 6.49
N GLU A 34 10.24 11.00 5.18
CA GLU A 34 8.95 11.02 4.48
C GLU A 34 8.41 9.61 4.20
N LEU A 35 9.26 8.78 3.61
CA LEU A 35 8.89 7.45 3.15
C LEU A 35 7.98 6.69 4.14
N GLU A 36 7.93 7.11 5.41
CA GLU A 36 7.09 6.36 6.37
C GLU A 36 5.67 6.29 5.81
N LEU A 37 5.33 7.45 5.24
CA LEU A 37 4.02 7.67 4.62
C LEU A 37 3.80 6.57 3.59
N PHE A 38 4.75 6.43 2.70
CA PHE A 38 4.70 5.45 1.62
C PHE A 38 4.69 4.00 2.15
N TYR A 39 5.43 3.79 3.23
CA TYR A 39 5.48 2.43 3.83
C TYR A 39 4.19 2.15 4.60
N SER A 40 3.90 2.98 5.56
CA SER A 40 2.70 2.80 6.36
C SER A 40 1.45 2.73 5.48
N ALA A 41 1.47 3.50 4.38
CA ALA A 41 0.31 3.55 3.44
C ALA A 41 0.29 2.38 2.45
N ALA A 42 1.36 2.28 1.65
CA ALA A 42 1.43 1.28 0.56
C ALA A 42 1.11 -0.16 0.96
N ASP A 43 1.48 -0.58 2.17
CA ASP A 43 1.24 -1.96 2.58
C ASP A 43 -0.23 -2.32 2.41
N HIS A 44 -1.09 -1.49 2.96
CA HIS A 44 -2.54 -1.71 2.94
C HIS A 44 -3.00 -2.19 1.55
N ARG A 45 -2.44 -1.58 0.53
CA ARG A 45 -2.74 -1.92 -0.87
C ARG A 45 -2.21 -3.33 -1.26
N LEU A 46 -1.36 -3.92 -0.44
CA LEU A 46 -0.80 -5.26 -0.75
C LEU A 46 -1.78 -6.44 -0.46
N ALA A 47 -2.39 -6.48 0.73
CA ALA A 47 -3.32 -7.59 1.10
C ALA A 47 -4.51 -7.69 0.14
N GLU A 48 -4.99 -6.53 -0.26
CA GLU A 48 -6.08 -6.48 -1.24
C GLU A 48 -5.55 -7.17 -2.52
N LEU A 49 -4.42 -6.70 -3.02
CA LEU A 49 -3.80 -7.25 -4.22
C LEU A 49 -3.55 -8.76 -4.08
N THR A 50 -3.20 -9.19 -2.88
CA THR A 50 -2.92 -10.61 -2.65
C THR A 50 -4.10 -11.44 -3.12
N MET A 51 -5.31 -10.90 -2.95
CA MET A 51 -6.54 -11.54 -3.43
C MET A 51 -6.92 -10.75 -4.70
N ASN A 52 -7.89 -9.84 -4.61
CA ASN A 52 -8.24 -8.99 -5.76
C ASN A 52 -9.42 -8.06 -5.44
N LYS A 53 -9.57 -7.65 -4.16
CA LYS A 53 -10.68 -6.75 -3.75
C LYS A 53 -10.13 -5.43 -3.19
N LEU A 54 -10.75 -4.92 -2.12
CA LEU A 54 -10.36 -3.64 -1.52
C LEU A 54 -10.28 -3.73 0.00
N TYR A 55 -9.08 -3.68 0.60
CA TYR A 55 -8.97 -3.74 2.09
C TYR A 55 -9.17 -2.31 2.60
N ASP A 56 -8.51 -1.88 3.71
CA ASP A 56 -8.61 -0.49 4.25
C ASP A 56 -8.46 -0.44 5.79
N LYS A 57 -7.29 -0.85 6.30
CA LYS A 57 -6.88 -0.81 7.72
C LYS A 57 -6.38 -2.21 7.98
N ILE A 58 -5.08 -2.52 8.15
CA ILE A 58 -4.63 -3.94 8.30
C ILE A 58 -4.00 -4.25 9.68
N PRO A 59 -4.57 -5.15 10.47
CA PRO A 59 -3.90 -5.62 11.73
C PRO A 59 -2.46 -6.09 11.43
N PRO A 60 -1.56 -6.08 12.38
CA PRO A 60 -0.14 -6.54 12.17
C PRO A 60 -0.09 -8.06 11.89
N THR A 61 -1.21 -8.72 12.14
CA THR A 61 -1.34 -10.17 11.95
C THR A 61 -1.14 -10.60 10.51
N VAL A 62 -1.69 -9.82 9.60
CA VAL A 62 -1.67 -10.13 8.18
C VAL A 62 -0.30 -10.08 7.51
N TRP A 63 0.45 -8.98 7.69
CA TRP A 63 1.75 -8.86 7.01
C TRP A 63 2.68 -10.01 7.32
N GLN A 64 2.34 -10.80 8.36
CA GLN A 64 3.12 -12.04 8.67
C GLN A 64 2.54 -13.22 7.86
N HIS A 65 1.24 -13.16 7.54
CA HIS A 65 0.55 -14.24 6.79
C HIS A 65 0.25 -13.85 5.35
N VAL A 66 -0.46 -12.75 5.16
CA VAL A 66 -0.82 -12.30 3.82
C VAL A 66 -1.56 -13.41 3.08
N LYS A 67 -2.54 -14.01 3.75
CA LYS A 67 -3.33 -15.11 3.16
C LYS A 67 -4.73 -15.15 3.77
N HIS A 68 -4.80 -15.10 5.09
CA HIS A 68 -6.10 -15.15 5.78
C HIS A 68 -7.01 -14.02 5.31
N HIS A 69 -8.32 -14.26 5.41
CA HIS A 69 -9.32 -13.26 5.01
C HIS A 69 -10.72 -13.77 5.37
N HIS A 70 -11.75 -13.05 4.93
CA HIS A 70 -13.13 -13.44 5.23
C HIS A 70 -14.10 -12.82 4.23
N HIS A 71 -15.04 -13.64 3.74
CA HIS A 71 -16.03 -13.17 2.78
C HIS A 71 -17.08 -12.31 3.47
N HIS A 72 -17.73 -11.45 2.70
CA HIS A 72 -18.76 -10.57 3.27
C HIS A 72 -19.51 -9.84 2.15
N HIS A 73 -20.64 -9.26 2.50
CA HIS A 73 -21.44 -8.53 1.52
C HIS A 73 -20.63 -7.39 0.91
N GLY A 1 0.38 18.17 1.79
CA GLY A 1 0.78 16.79 1.39
C GLY A 1 0.22 15.77 2.38
N THR A 2 -1.10 15.66 2.43
CA THR A 2 -1.74 14.71 3.34
C THR A 2 -1.64 13.30 2.77
N LYS A 3 -1.81 12.31 3.64
CA LYS A 3 -1.72 10.89 3.25
C LYS A 3 -2.78 10.53 2.17
N THR A 4 -3.77 11.37 1.95
CA THR A 4 -4.75 11.07 0.90
C THR A 4 -4.01 10.77 -0.44
N ASP A 5 -3.20 11.72 -0.90
CA ASP A 5 -2.42 11.58 -2.15
C ASP A 5 -1.59 10.29 -2.20
N TYR A 6 -1.01 9.96 -1.07
CA TYR A 6 -0.17 8.77 -0.92
C TYR A 6 -0.95 7.49 -1.07
N LEU A 7 -1.92 7.28 -0.19
CA LEU A 7 -2.73 6.08 -0.21
C LEU A 7 -3.48 5.92 -1.52
N MET A 8 -3.97 7.03 -2.09
CA MET A 8 -4.75 6.90 -3.33
C MET A 8 -3.79 6.53 -4.46
N ARG A 9 -2.82 7.41 -4.70
CA ARG A 9 -1.87 7.22 -5.79
C ARG A 9 -1.18 5.85 -5.69
N LEU A 10 -0.66 5.54 -4.52
CA LEU A 10 0.06 4.27 -4.32
C LEU A 10 -0.80 3.04 -4.58
N ARG A 11 -2.12 3.10 -4.37
CA ARG A 11 -2.96 1.91 -4.53
C ARG A 11 -3.28 1.54 -5.98
N LYS A 12 -2.94 2.41 -6.97
CA LYS A 12 -3.23 2.10 -8.40
C LYS A 12 -2.04 1.48 -9.10
N CYS A 13 -0.89 1.34 -8.42
CA CYS A 13 0.28 0.71 -9.08
C CYS A 13 -0.15 -0.57 -9.82
N THR A 14 -1.11 -1.27 -9.21
CA THR A 14 -1.69 -2.49 -9.77
C THR A 14 -0.75 -3.69 -9.73
N THR A 15 0.56 -3.49 -9.45
CA THR A 15 1.50 -4.63 -9.39
C THR A 15 2.49 -4.47 -8.24
N ILE A 16 2.66 -5.56 -7.52
CA ILE A 16 3.55 -5.52 -6.35
C ILE A 16 4.94 -5.03 -6.78
N ASP A 17 5.55 -5.74 -7.73
CA ASP A 17 6.90 -5.44 -8.20
C ASP A 17 7.05 -4.00 -8.73
N THR A 18 5.93 -3.37 -9.05
CA THR A 18 5.99 -1.97 -9.56
C THR A 18 6.28 -1.04 -8.37
N LEU A 19 5.56 -1.22 -7.28
CA LEU A 19 5.72 -0.38 -6.08
C LEU A 19 7.21 -0.12 -5.81
N GLU A 20 8.03 -1.09 -6.16
CA GLU A 20 9.48 -0.94 -6.05
C GLU A 20 9.94 0.18 -6.98
N ARG A 21 9.59 0.07 -8.24
CA ARG A 21 10.08 1.04 -9.23
C ARG A 21 9.88 2.48 -8.74
N VAL A 22 8.70 2.84 -8.25
CA VAL A 22 8.46 4.21 -7.78
C VAL A 22 9.27 4.53 -6.50
N ILE A 23 9.19 3.66 -5.50
CA ILE A 23 9.83 3.93 -4.19
C ILE A 23 11.26 4.52 -4.39
N GLU A 24 12.07 3.92 -5.23
CA GLU A 24 13.42 4.44 -5.48
C GLU A 24 13.37 5.92 -5.94
N LYS A 25 12.24 6.28 -6.52
CA LYS A 25 12.04 7.66 -6.99
C LYS A 25 11.83 8.59 -5.78
N ASN A 26 10.82 8.30 -4.96
CA ASN A 26 10.52 9.09 -3.76
C ASN A 26 11.73 9.28 -2.85
N LYS A 27 12.62 8.32 -2.96
CA LYS A 27 13.76 8.24 -2.06
C LYS A 27 14.55 9.56 -1.92
N TYR A 28 15.02 10.19 -3.00
CA TYR A 28 15.82 11.43 -2.90
C TYR A 28 15.00 12.71 -3.18
N GLU A 29 13.68 12.61 -3.26
CA GLU A 29 12.83 13.79 -3.59
C GLU A 29 11.66 14.03 -2.63
N LEU A 30 11.47 13.19 -1.58
CA LEU A 30 10.33 13.36 -0.63
C LEU A 30 10.85 13.75 0.76
N SER A 31 12.09 13.36 1.03
CA SER A 31 12.84 13.64 2.26
C SER A 31 13.02 12.34 3.03
N ASP A 32 13.82 12.31 4.10
CA ASP A 32 14.00 11.04 4.80
C ASP A 32 12.85 10.63 5.78
N ASP A 33 12.61 11.39 6.85
CA ASP A 33 11.64 10.92 7.87
C ASP A 33 10.26 10.62 7.29
N GLU A 34 10.07 11.36 6.23
CA GLU A 34 8.81 11.32 5.47
C GLU A 34 8.58 9.87 5.04
N LEU A 35 9.61 9.22 4.51
CA LEU A 35 9.46 7.86 3.99
C LEU A 35 8.59 6.99 4.93
N GLU A 36 8.44 7.34 6.22
CA GLU A 36 7.60 6.51 7.09
C GLU A 36 6.18 6.48 6.49
N LEU A 37 5.83 7.64 5.95
CA LEU A 37 4.51 7.82 5.29
C LEU A 37 4.43 6.75 4.20
N PHE A 38 5.42 6.75 3.35
CA PHE A 38 5.51 5.85 2.20
C PHE A 38 5.57 4.37 2.62
N TYR A 39 6.22 4.10 3.74
CA TYR A 39 6.28 2.72 4.27
C TYR A 39 5.00 2.40 5.07
N SER A 40 4.70 3.20 6.04
CA SER A 40 3.50 2.99 6.84
C SER A 40 2.25 2.92 5.97
N ALA A 41 2.23 3.75 4.90
CA ALA A 41 1.05 3.80 3.99
C ALA A 41 1.07 2.65 2.98
N ALA A 42 2.13 2.57 2.18
CA ALA A 42 2.22 1.59 1.11
C ALA A 42 1.95 0.14 1.53
N ASP A 43 2.35 -0.25 2.74
CA ASP A 43 2.15 -1.65 3.17
C ASP A 43 0.68 -2.03 2.98
N HIS A 44 -0.19 -1.15 3.46
CA HIS A 44 -1.63 -1.38 3.42
C HIS A 44 -2.06 -1.97 2.06
N ARG A 45 -1.46 -1.45 0.99
CA ARG A 45 -1.72 -1.91 -0.38
C ARG A 45 -1.17 -3.33 -0.64
N LEU A 46 -0.33 -3.85 0.25
CA LEU A 46 0.23 -5.20 0.05
C LEU A 46 -0.78 -6.33 0.38
N ALA A 47 -1.39 -6.29 1.57
CA ALA A 47 -2.34 -7.36 2.01
C ALA A 47 -3.52 -7.50 1.05
N GLU A 48 -3.95 -6.36 0.54
CA GLU A 48 -5.04 -6.36 -0.44
C GLU A 48 -4.51 -7.13 -1.67
N LEU A 49 -3.34 -6.70 -2.18
CA LEU A 49 -2.70 -7.35 -3.33
C LEU A 49 -2.47 -8.84 -3.04
N THR A 50 -2.09 -9.16 -1.81
CA THR A 50 -1.81 -10.55 -1.46
C THR A 50 -3.01 -11.43 -1.84
N MET A 51 -4.22 -10.89 -1.69
CA MET A 51 -5.44 -11.61 -2.11
C MET A 51 -5.82 -10.96 -3.45
N ASN A 52 -6.76 -10.01 -3.46
CA ASN A 52 -7.10 -9.29 -4.69
C ASN A 52 -8.26 -8.31 -4.45
N LYS A 53 -8.53 -7.96 -3.19
CA LYS A 53 -9.64 -7.04 -2.85
C LYS A 53 -9.09 -5.68 -2.40
N LEU A 54 -9.73 -5.09 -1.37
CA LEU A 54 -9.35 -3.77 -0.86
C LEU A 54 -9.28 -3.77 0.66
N TYR A 55 -8.11 -3.51 1.27
CA TYR A 55 -8.02 -3.45 2.76
C TYR A 55 -8.23 -1.98 3.15
N ASP A 56 -7.58 -1.45 4.23
CA ASP A 56 -7.71 -0.03 4.65
C ASP A 56 -7.58 0.15 6.18
N LYS A 57 -6.38 -0.15 6.72
CA LYS A 57 -5.96 0.00 8.13
C LYS A 57 -5.42 -1.39 8.48
N ILE A 58 -4.11 -1.64 8.70
CA ILE A 58 -3.66 -3.04 8.97
C ILE A 58 -3.00 -3.22 10.36
N PRO A 59 -3.55 -4.04 11.25
CA PRO A 59 -2.86 -4.37 12.54
C PRO A 59 -1.44 -4.90 12.27
N PRO A 60 -0.53 -4.79 13.20
CA PRO A 60 0.88 -5.30 13.02
C PRO A 60 0.92 -6.83 12.89
N THR A 61 -0.20 -7.45 13.24
CA THR A 61 -0.35 -8.90 13.20
C THR A 61 -0.18 -9.47 11.80
N VAL A 62 -0.72 -8.76 10.83
CA VAL A 62 -0.73 -9.20 9.44
C VAL A 62 0.64 -9.24 8.76
N TRP A 63 1.42 -8.15 8.83
CA TRP A 63 2.70 -8.10 8.11
C TRP A 63 3.64 -9.22 8.50
N GLN A 64 3.34 -9.89 9.63
CA GLN A 64 4.13 -11.11 10.04
C GLN A 64 3.55 -12.35 9.35
N HIS A 65 2.23 -12.30 9.04
CA HIS A 65 1.52 -13.41 8.39
C HIS A 65 1.24 -13.15 6.92
N VAL A 66 0.47 -12.11 6.64
CA VAL A 66 0.11 -11.78 5.28
C VAL A 66 -0.66 -12.94 4.65
N LYS A 67 -1.65 -13.44 5.39
CA LYS A 67 -2.47 -14.58 4.93
C LYS A 67 -3.87 -14.52 5.53
N HIS A 68 -3.94 -14.48 6.85
CA HIS A 68 -5.23 -14.43 7.54
C HIS A 68 -6.13 -13.34 6.96
N HIS A 69 -7.44 -13.55 7.09
CA HIS A 69 -8.42 -12.58 6.59
C HIS A 69 -9.83 -13.05 6.95
N HIS A 70 -10.85 -12.32 6.50
CA HIS A 70 -12.24 -12.68 6.79
C HIS A 70 -13.18 -12.07 5.76
N HIS A 71 -14.11 -12.89 5.26
CA HIS A 71 -15.07 -12.41 4.27
C HIS A 71 -16.08 -11.46 4.91
N HIS A 72 -16.71 -10.64 4.08
CA HIS A 72 -17.69 -9.69 4.59
C HIS A 72 -18.43 -9.01 3.43
N HIS A 73 -19.67 -8.60 3.69
CA HIS A 73 -20.47 -7.95 2.66
C HIS A 73 -19.74 -6.75 2.09
N GLY A 1 -0.24 18.40 1.20
CA GLY A 1 0.37 17.07 0.90
C GLY A 1 -0.16 16.04 1.89
N THR A 2 -1.48 15.95 2.01
CA THR A 2 -2.10 15.01 2.93
C THR A 2 -2.06 13.59 2.36
N LYS A 3 -2.26 12.59 3.22
CA LYS A 3 -2.23 11.18 2.81
C LYS A 3 -3.37 10.86 1.82
N THR A 4 -4.38 11.71 1.70
CA THR A 4 -5.43 11.46 0.71
C THR A 4 -4.78 11.20 -0.67
N ASP A 5 -3.97 12.16 -1.13
CA ASP A 5 -3.26 12.07 -2.41
C ASP A 5 -2.44 10.79 -2.55
N TYR A 6 -1.79 10.40 -1.46
CA TYR A 6 -0.96 9.20 -1.43
C TYR A 6 -1.77 7.94 -1.66
N LEU A 7 -2.70 7.69 -0.74
CA LEU A 7 -3.53 6.50 -0.79
C LEU A 7 -4.39 6.44 -2.03
N MET A 8 -4.93 7.58 -2.49
CA MET A 8 -5.81 7.52 -3.67
C MET A 8 -4.92 7.22 -4.88
N ARG A 9 -3.96 8.10 -5.12
CA ARG A 9 -3.07 7.97 -6.28
C ARG A 9 -2.42 6.60 -6.31
N LEU A 10 -1.85 6.18 -5.19
CA LEU A 10 -1.16 4.89 -5.13
C LEU A 10 -2.07 3.70 -5.46
N ARG A 11 -3.39 3.77 -5.20
CA ARG A 11 -4.26 2.61 -5.41
C ARG A 11 -4.66 2.32 -6.86
N LYS A 12 -4.37 3.21 -7.83
CA LYS A 12 -4.79 2.96 -9.26
C LYS A 12 -3.65 2.33 -10.07
N CYS A 13 -2.46 2.12 -9.48
CA CYS A 13 -1.37 1.50 -10.25
C CYS A 13 -1.88 0.27 -11.01
N THR A 14 -2.81 -0.44 -10.36
CA THR A 14 -3.47 -1.62 -10.94
C THR A 14 -2.55 -2.84 -11.03
N THR A 15 -1.24 -2.68 -10.83
CA THR A 15 -0.31 -3.84 -10.89
C THR A 15 0.76 -3.74 -9.81
N ILE A 16 0.97 -4.85 -9.13
CA ILE A 16 1.92 -4.86 -8.03
C ILE A 16 3.31 -4.46 -8.57
N ASP A 17 3.80 -5.21 -9.55
CA ASP A 17 5.14 -4.98 -10.13
C ASP A 17 5.32 -3.55 -10.64
N THR A 18 4.20 -2.88 -10.89
CA THR A 18 4.25 -1.47 -11.36
C THR A 18 4.62 -0.60 -10.15
N LEU A 19 3.95 -0.85 -9.04
CA LEU A 19 4.15 -0.05 -7.82
C LEU A 19 5.65 0.18 -7.58
N GLU A 20 6.45 -0.78 -8.00
CA GLU A 20 7.91 -0.64 -7.94
C GLU A 20 8.32 0.51 -8.86
N ARG A 21 7.88 0.43 -10.11
CA ARG A 21 8.30 1.44 -11.09
C ARG A 21 8.07 2.86 -10.55
N VAL A 22 6.88 3.15 -10.02
CA VAL A 22 6.61 4.49 -9.48
C VAL A 22 7.48 4.79 -8.24
N ILE A 23 7.46 3.87 -7.28
CA ILE A 23 8.19 4.09 -6.01
C ILE A 23 9.61 4.65 -6.28
N GLU A 24 10.36 4.05 -7.20
CA GLU A 24 11.71 4.56 -7.52
C GLU A 24 11.64 6.03 -7.98
N LYS A 25 10.50 6.38 -8.56
CA LYS A 25 10.31 7.76 -9.02
C LYS A 25 10.20 8.68 -7.78
N ASN A 26 9.26 8.39 -6.89
CA ASN A 26 9.03 9.13 -5.66
C ASN A 26 10.31 9.28 -4.84
N LYS A 27 11.17 8.33 -5.02
CA LYS A 27 12.37 8.23 -4.21
C LYS A 27 13.11 9.56 -4.08
N TYR A 28 13.43 10.29 -5.18
CA TYR A 28 14.16 11.56 -5.06
C TYR A 28 13.23 12.79 -5.05
N GLU A 29 12.10 12.72 -5.77
CA GLU A 29 11.20 13.88 -5.83
C GLU A 29 10.39 14.06 -4.55
N LEU A 30 10.50 13.09 -3.62
CA LEU A 30 9.81 13.17 -2.31
C LEU A 30 10.94 13.25 -1.29
N SER A 31 10.98 12.44 -0.22
CA SER A 31 12.12 12.52 0.69
C SER A 31 12.07 11.39 1.71
N ASP A 32 13.20 11.05 2.25
CA ASP A 32 13.22 9.96 3.22
C ASP A 32 12.14 10.18 4.32
N ASP A 33 12.24 11.32 5.01
CA ASP A 33 11.39 11.61 6.18
C ASP A 33 9.90 11.34 5.89
N GLU A 34 9.68 11.63 4.62
CA GLU A 34 8.38 11.54 3.95
C GLU A 34 8.06 10.09 3.59
N LEU A 35 9.03 9.41 2.99
CA LEU A 35 8.82 8.04 2.49
C LEU A 35 8.00 7.20 3.49
N GLU A 36 7.97 7.56 4.78
CA GLU A 36 7.20 6.75 5.73
C GLU A 36 5.73 6.72 5.23
N LEU A 37 5.38 7.87 4.70
CA LEU A 37 4.03 8.09 4.14
C LEU A 37 3.81 7.02 3.06
N PHE A 38 4.73 6.99 2.11
CA PHE A 38 4.66 6.07 0.98
C PHE A 38 4.72 4.59 1.41
N TYR A 39 5.52 4.32 2.43
CA TYR A 39 5.63 2.95 2.97
C TYR A 39 4.42 2.64 3.85
N SER A 40 4.21 3.43 4.86
CA SER A 40 3.08 3.22 5.74
C SER A 40 1.76 3.19 4.96
N ALA A 41 1.69 4.00 3.89
CA ALA A 41 0.46 4.08 3.06
C ALA A 41 0.37 2.91 2.06
N ALA A 42 1.38 2.81 1.19
CA ALA A 42 1.37 1.81 0.11
C ALA A 42 1.06 0.37 0.57
N ASP A 43 1.48 -0.03 1.75
CA ASP A 43 1.24 -1.40 2.21
C ASP A 43 -0.28 -1.72 2.07
N HIS A 44 -1.08 -0.77 2.54
CA HIS A 44 -2.55 -0.92 2.51
C HIS A 44 -3.00 -1.41 1.12
N ARG A 45 -2.45 -0.78 0.09
CA ARG A 45 -2.73 -1.14 -1.30
C ARG A 45 -2.23 -2.57 -1.62
N LEU A 46 -1.38 -3.14 -0.77
CA LEU A 46 -0.86 -4.51 -1.03
C LEU A 46 -1.89 -5.63 -0.68
N ALA A 47 -2.46 -5.56 0.54
CA ALA A 47 -3.43 -6.59 1.02
C ALA A 47 -4.66 -6.73 0.10
N GLU A 48 -5.09 -5.58 -0.40
CA GLU A 48 -6.22 -5.57 -1.33
C GLU A 48 -5.76 -6.30 -2.60
N LEU A 49 -4.64 -5.87 -3.17
CA LEU A 49 -4.08 -6.51 -4.37
C LEU A 49 -3.87 -8.00 -4.13
N THR A 50 -3.44 -8.35 -2.93
CA THR A 50 -3.15 -9.74 -2.61
C THR A 50 -4.37 -10.60 -2.92
N MET A 51 -5.57 -10.04 -2.71
CA MET A 51 -6.82 -10.72 -3.08
C MET A 51 -7.27 -10.04 -4.39
N ASN A 52 -8.26 -9.15 -4.33
CA ASN A 52 -8.67 -8.40 -5.54
C ASN A 52 -9.82 -7.45 -5.24
N LYS A 53 -9.83 -6.82 -4.05
CA LYS A 53 -10.91 -5.88 -3.67
C LYS A 53 -10.35 -4.54 -3.24
N LEU A 54 -10.95 -3.94 -2.19
CA LEU A 54 -10.56 -2.61 -1.70
C LEU A 54 -10.42 -2.61 -0.17
N TYR A 55 -9.20 -2.56 0.38
CA TYR A 55 -9.05 -2.50 1.86
C TYR A 55 -9.31 -1.04 2.25
N ASP A 56 -8.69 -0.50 3.34
CA ASP A 56 -8.87 0.92 3.73
C ASP A 56 -8.70 1.14 5.26
N LYS A 57 -7.45 0.96 5.73
CA LYS A 57 -6.96 1.17 7.12
C LYS A 57 -6.65 -0.20 7.70
N ILE A 58 -5.42 -0.77 7.77
CA ILE A 58 -5.26 -2.16 8.32
C ILE A 58 -4.28 -2.27 9.55
N PRO A 59 -4.58 -3.07 10.58
CA PRO A 59 -3.61 -3.34 11.70
C PRO A 59 -2.22 -3.78 11.19
N PRO A 60 -1.17 -3.61 11.97
CA PRO A 60 0.21 -4.05 11.58
C PRO A 60 0.28 -5.59 11.51
N THR A 61 -0.75 -6.23 12.06
CA THR A 61 -0.87 -7.69 12.10
C THR A 61 -0.81 -8.31 10.71
N VAL A 62 -1.45 -7.64 9.78
CA VAL A 62 -1.56 -8.08 8.39
C VAL A 62 -0.25 -8.09 7.61
N TRP A 63 0.53 -7.00 7.63
CA TRP A 63 1.75 -6.97 6.82
C TRP A 63 2.64 -8.20 7.09
N GLN A 64 2.37 -8.91 8.21
CA GLN A 64 3.12 -10.17 8.54
C GLN A 64 2.46 -11.39 7.89
N HIS A 65 1.14 -11.33 7.67
CA HIS A 65 0.38 -12.44 7.07
C HIS A 65 0.01 -12.16 5.62
N VAL A 66 -0.68 -11.05 5.41
CA VAL A 66 -1.12 -10.69 4.07
C VAL A 66 -1.93 -11.85 3.47
N LYS A 67 -2.94 -12.29 4.21
CA LYS A 67 -3.79 -13.41 3.77
C LYS A 67 -5.18 -13.29 4.39
N HIS A 68 -5.23 -13.23 5.71
CA HIS A 68 -6.51 -13.12 6.42
C HIS A 68 -7.44 -12.11 5.76
N HIS A 69 -8.74 -12.41 5.76
CA HIS A 69 -9.74 -11.54 5.17
C HIS A 69 -11.14 -12.03 5.51
N HIS A 70 -12.16 -11.42 4.91
CA HIS A 70 -13.54 -11.81 5.17
C HIS A 70 -14.45 -11.39 4.02
N HIS A 71 -15.40 -12.26 3.67
CA HIS A 71 -16.34 -11.97 2.59
C HIS A 71 -17.38 -10.95 3.05
N HIS A 72 -18.06 -10.33 2.10
CA HIS A 72 -19.07 -9.34 2.43
C HIS A 72 -19.84 -8.90 1.18
N HIS A 73 -21.04 -8.38 1.37
CA HIS A 73 -21.85 -7.92 0.25
C HIS A 73 -21.09 -6.92 -0.60
N GLY A 1 0.04 18.26 1.33
CA GLY A 1 0.44 16.90 0.85
C GLY A 1 -0.14 15.84 1.77
N THR A 2 -1.47 15.78 1.82
CA THR A 2 -2.16 14.80 2.67
C THR A 2 -2.11 13.41 2.04
N LYS A 3 -2.38 12.39 2.86
CA LYS A 3 -2.35 10.99 2.40
C LYS A 3 -3.48 10.72 1.37
N THR A 4 -4.46 11.60 1.25
CA THR A 4 -5.49 11.40 0.23
C THR A 4 -4.80 11.17 -1.15
N ASP A 5 -3.96 12.14 -1.53
CA ASP A 5 -3.20 12.08 -2.79
C ASP A 5 -2.38 10.81 -2.96
N TYR A 6 -1.83 10.33 -1.86
CA TYR A 6 -1.02 9.11 -1.83
C TYR A 6 -1.86 7.88 -2.14
N LEU A 7 -2.85 7.64 -1.30
CA LEU A 7 -3.70 6.47 -1.44
C LEU A 7 -4.50 6.51 -2.72
N MET A 8 -5.03 7.69 -3.09
CA MET A 8 -5.88 7.71 -4.28
C MET A 8 -4.97 7.41 -5.47
N ARG A 9 -3.96 8.25 -5.67
CA ARG A 9 -3.07 8.09 -6.82
C ARG A 9 -2.57 6.64 -6.90
N LEU A 10 -2.16 6.06 -5.79
CA LEU A 10 -1.70 4.68 -5.79
C LEU A 10 -2.85 3.69 -6.04
N ARG A 11 -3.86 3.80 -5.19
CA ARG A 11 -4.96 2.83 -5.19
C ARG A 11 -5.62 2.68 -6.57
N LYS A 12 -5.45 3.66 -7.48
CA LYS A 12 -6.04 3.54 -8.84
C LYS A 12 -4.99 2.99 -9.82
N CYS A 13 -3.80 2.63 -9.32
CA CYS A 13 -2.75 2.06 -10.18
C CYS A 13 -3.35 0.93 -11.02
N THR A 14 -4.07 0.05 -10.35
CA THR A 14 -4.77 -1.07 -10.99
C THR A 14 -3.82 -2.21 -11.40
N THR A 15 -2.51 -2.02 -11.27
CA THR A 15 -1.54 -3.08 -11.63
C THR A 15 -0.39 -3.14 -10.63
N ILE A 16 -0.03 -4.36 -10.27
CA ILE A 16 1.06 -4.55 -9.31
C ILE A 16 2.40 -4.23 -9.98
N ASP A 17 2.73 -4.94 -11.03
CA ASP A 17 4.04 -4.77 -11.68
C ASP A 17 4.32 -3.29 -12.00
N THR A 18 3.22 -2.53 -12.10
CA THR A 18 3.31 -1.08 -12.34
C THR A 18 3.67 -0.38 -11.05
N LEU A 19 3.00 -0.76 -9.96
CA LEU A 19 3.21 -0.13 -8.66
C LEU A 19 4.71 0.07 -8.39
N GLU A 20 5.50 -0.86 -8.87
CA GLU A 20 6.96 -0.75 -8.76
C GLU A 20 7.42 0.45 -9.58
N ARG A 21 7.03 0.46 -10.83
CA ARG A 21 7.48 1.52 -11.74
C ARG A 21 7.28 2.90 -11.11
N VAL A 22 6.10 3.17 -10.59
CA VAL A 22 5.82 4.47 -9.97
C VAL A 22 6.65 4.66 -8.68
N ILE A 23 6.60 3.68 -7.79
CA ILE A 23 7.27 3.81 -6.49
C ILE A 23 8.70 4.37 -6.65
N GLU A 24 9.51 3.81 -7.54
CA GLU A 24 10.87 4.32 -7.72
C GLU A 24 10.83 5.78 -8.20
N LYS A 25 9.82 6.07 -9.01
CA LYS A 25 9.68 7.44 -9.55
C LYS A 25 9.60 8.39 -8.34
N ASN A 26 8.63 8.15 -7.45
CA ASN A 26 8.42 8.98 -6.26
C ASN A 26 9.72 9.22 -5.49
N LYS A 27 10.57 8.23 -5.54
CA LYS A 27 11.83 8.33 -4.79
C LYS A 27 12.58 9.60 -5.22
N TYR A 28 12.99 9.63 -6.48
CA TYR A 28 13.77 10.74 -7.02
C TYR A 28 13.00 12.06 -7.05
N GLU A 29 11.81 12.13 -6.43
CA GLU A 29 11.02 13.38 -6.45
C GLU A 29 10.20 13.55 -5.16
N LEU A 30 10.34 12.60 -4.22
CA LEU A 30 9.66 12.66 -2.91
C LEU A 30 10.78 12.76 -1.87
N SER A 31 10.89 11.84 -0.89
CA SER A 31 12.03 11.93 0.03
C SER A 31 11.97 10.80 1.05
N ASP A 32 13.09 10.41 1.60
CA ASP A 32 13.08 9.31 2.58
C ASP A 32 12.03 9.61 3.68
N ASP A 33 12.21 10.74 4.37
CA ASP A 33 11.37 11.12 5.52
C ASP A 33 9.86 10.94 5.25
N GLU A 34 9.64 11.15 3.97
CA GLU A 34 8.34 11.07 3.32
C GLU A 34 7.96 9.63 2.98
N LEU A 35 8.89 8.89 2.37
CA LEU A 35 8.62 7.55 1.88
C LEU A 35 7.76 6.73 2.87
N GLU A 36 7.75 7.09 4.17
CA GLU A 36 6.98 6.29 5.13
C GLU A 36 5.53 6.24 4.65
N LEU A 37 5.13 7.44 4.23
CA LEU A 37 3.79 7.70 3.73
C LEU A 37 3.50 6.69 2.61
N PHE A 38 4.38 6.64 1.63
CA PHE A 38 4.24 5.74 0.49
C PHE A 38 4.26 4.25 0.91
N TYR A 39 5.08 3.95 1.90
CA TYR A 39 5.18 2.57 2.40
C TYR A 39 3.95 2.24 3.26
N SER A 40 3.75 3.00 4.29
CA SER A 40 2.61 2.79 5.17
C SER A 40 1.29 2.86 4.40
N ALA A 41 1.27 3.72 3.36
CA ALA A 41 0.03 3.88 2.56
C ALA A 41 -0.14 2.73 1.55
N ALA A 42 0.87 2.57 0.70
CA ALA A 42 0.81 1.57 -0.38
C ALA A 42 0.39 0.17 0.10
N ASP A 43 0.82 -0.22 1.30
CA ASP A 43 0.49 -1.55 1.80
C ASP A 43 -1.03 -1.77 1.74
N HIS A 44 -1.76 -0.78 2.23
CA HIS A 44 -3.23 -0.85 2.28
C HIS A 44 -3.77 -1.40 0.95
N ARG A 45 -3.19 -0.90 -0.13
CA ARG A 45 -3.52 -1.27 -1.51
C ARG A 45 -2.97 -2.68 -1.92
N LEU A 46 -2.11 -3.30 -1.12
CA LEU A 46 -1.57 -4.63 -1.50
C LEU A 46 -2.57 -5.81 -1.29
N ALA A 47 -3.17 -5.92 -0.11
CA ALA A 47 -4.08 -7.06 0.19
C ALA A 47 -5.27 -7.14 -0.81
N GLU A 48 -5.73 -5.97 -1.18
CA GLU A 48 -6.81 -5.91 -2.17
C GLU A 48 -6.26 -6.51 -3.46
N LEU A 49 -5.12 -6.01 -3.92
CA LEU A 49 -4.48 -6.53 -5.13
C LEU A 49 -4.22 -8.03 -5.01
N THR A 50 -3.82 -8.46 -3.82
CA THR A 50 -3.50 -9.86 -3.62
C THR A 50 -4.68 -10.73 -4.05
N MET A 51 -5.91 -10.24 -3.82
CA MET A 51 -7.12 -10.94 -4.28
C MET A 51 -7.56 -10.17 -5.53
N ASN A 52 -8.58 -9.30 -5.42
CA ASN A 52 -8.95 -8.47 -6.58
C ASN A 52 -10.11 -7.51 -6.26
N LYS A 53 -10.34 -7.19 -4.98
CA LYS A 53 -11.44 -6.26 -4.58
C LYS A 53 -10.89 -4.94 -4.05
N LEU A 54 -11.50 -4.43 -2.98
CA LEU A 54 -11.11 -3.11 -2.41
C LEU A 54 -11.00 -3.18 -0.88
N TYR A 55 -9.78 -3.12 -0.32
CA TYR A 55 -9.65 -3.12 1.17
C TYR A 55 -9.87 -1.67 1.62
N ASP A 56 -9.21 -1.19 2.72
CA ASP A 56 -9.36 0.22 3.17
C ASP A 56 -9.20 0.36 4.72
N LYS A 57 -7.95 0.21 5.20
CA LYS A 57 -7.51 0.37 6.61
C LYS A 57 -7.23 -1.03 7.15
N ILE A 58 -6.00 -1.62 7.22
CA ILE A 58 -5.87 -3.04 7.72
C ILE A 58 -4.94 -3.25 8.98
N PRO A 59 -5.32 -4.12 9.95
CA PRO A 59 -4.40 -4.48 11.08
C PRO A 59 -3.00 -4.94 10.59
N PRO A 60 -1.99 -4.86 11.40
CA PRO A 60 -0.62 -5.33 11.00
C PRO A 60 -0.59 -6.86 10.80
N THR A 61 -1.66 -7.51 11.26
CA THR A 61 -1.84 -8.97 11.17
C THR A 61 -1.76 -9.50 9.74
N VAL A 62 -2.46 -8.80 8.85
CA VAL A 62 -2.55 -9.17 7.43
C VAL A 62 -1.22 -9.19 6.68
N TRP A 63 -0.46 -8.10 6.78
CA TRP A 63 0.81 -7.97 6.04
C TRP A 63 1.78 -9.10 6.34
N GLN A 64 1.53 -9.87 7.41
CA GLN A 64 2.36 -11.08 7.70
C GLN A 64 1.82 -12.29 6.91
N HIS A 65 0.51 -12.26 6.61
CA HIS A 65 -0.17 -13.35 5.87
C HIS A 65 -0.51 -12.97 4.44
N VAL A 66 -1.31 -11.92 4.29
CA VAL A 66 -1.74 -11.48 2.97
C VAL A 66 -2.51 -12.61 2.28
N LYS A 67 -3.48 -13.21 2.99
CA LYS A 67 -4.27 -14.32 2.45
C LYS A 67 -5.67 -14.32 3.04
N HIS A 68 -5.74 -14.36 4.37
CA HIS A 68 -7.02 -14.38 5.06
C HIS A 68 -7.90 -13.22 4.62
N HIS A 69 -9.21 -13.43 4.66
CA HIS A 69 -10.17 -12.40 4.26
C HIS A 69 -11.56 -12.80 4.73
N HIS A 70 -12.57 -12.00 4.38
CA HIS A 70 -13.95 -12.30 4.78
C HIS A 70 -14.94 -11.62 3.82
N HIS A 71 -16.02 -12.35 3.50
CA HIS A 71 -17.05 -11.82 2.61
C HIS A 71 -17.90 -10.80 3.36
N HIS A 72 -18.56 -9.91 2.61
CA HIS A 72 -19.41 -8.89 3.21
C HIS A 72 -20.20 -8.16 2.15
N HIS A 73 -21.36 -7.62 2.55
CA HIS A 73 -22.21 -6.89 1.61
C HIS A 73 -21.41 -5.83 0.87
N GLY A 1 -0.07 18.12 1.50
CA GLY A 1 0.29 16.76 1.03
C GLY A 1 -0.31 15.72 1.97
N THR A 2 -1.63 15.60 1.96
CA THR A 2 -2.31 14.64 2.82
C THR A 2 -2.18 13.23 2.27
N LYS A 3 -2.41 12.24 3.14
CA LYS A 3 -2.30 10.82 2.78
C LYS A 3 -3.34 10.44 1.71
N THR A 4 -4.36 11.27 1.50
CA THR A 4 -5.33 10.97 0.43
C THR A 4 -4.55 10.70 -0.88
N ASP A 5 -3.70 11.64 -1.28
CA ASP A 5 -2.87 11.52 -2.48
C ASP A 5 -2.02 10.25 -2.50
N TYR A 6 -1.56 9.84 -1.32
CA TYR A 6 -0.73 8.64 -1.19
C TYR A 6 -1.55 7.37 -1.43
N LEU A 7 -2.57 7.17 -0.62
CA LEU A 7 -3.38 5.97 -0.73
C LEU A 7 -4.12 5.88 -2.05
N MET A 8 -4.64 7.01 -2.53
CA MET A 8 -5.41 6.93 -3.78
C MET A 8 -4.44 6.54 -4.88
N ARG A 9 -3.42 7.36 -5.07
CA ARG A 9 -2.45 7.12 -6.14
C ARG A 9 -1.92 5.68 -6.08
N LEU A 10 -1.58 5.21 -4.89
CA LEU A 10 -1.08 3.84 -4.76
C LEU A 10 -2.20 2.80 -4.94
N ARG A 11 -3.25 2.96 -4.14
CA ARG A 11 -4.31 1.95 -4.10
C ARG A 11 -4.87 1.65 -5.49
N LYS A 12 -4.64 2.55 -6.47
CA LYS A 12 -5.13 2.31 -7.85
C LYS A 12 -4.00 1.71 -8.71
N CYS A 13 -2.84 1.43 -8.11
CA CYS A 13 -1.72 0.82 -8.84
C CYS A 13 -2.23 -0.37 -9.64
N THR A 14 -3.00 -1.22 -8.95
CA THR A 14 -3.64 -2.40 -9.56
C THR A 14 -2.70 -3.60 -9.72
N THR A 15 -1.38 -3.45 -9.50
CA THR A 15 -0.44 -4.58 -9.64
C THR A 15 0.66 -4.56 -8.57
N ILE A 16 0.96 -5.73 -8.04
CA ILE A 16 1.99 -5.84 -7.02
C ILE A 16 3.37 -5.56 -7.65
N ASP A 17 3.75 -6.36 -8.62
CA ASP A 17 5.09 -6.23 -9.22
C ASP A 17 5.37 -4.79 -9.66
N THR A 18 4.28 -4.06 -9.88
CA THR A 18 4.37 -2.64 -10.26
C THR A 18 4.65 -1.80 -9.01
N LEU A 19 3.92 -2.08 -7.95
CA LEU A 19 4.04 -1.32 -6.70
C LEU A 19 5.51 -1.08 -6.35
N GLU A 20 6.33 -2.07 -6.69
CA GLU A 20 7.78 -1.98 -6.49
C GLU A 20 8.35 -0.89 -7.40
N ARG A 21 8.07 -1.02 -8.68
CA ARG A 21 8.64 -0.11 -9.66
C ARG A 21 8.47 1.35 -9.21
N VAL A 22 7.28 1.73 -8.76
CA VAL A 22 7.02 3.10 -8.32
C VAL A 22 7.76 3.44 -7.00
N ILE A 23 7.61 2.58 -5.99
CA ILE A 23 8.17 2.87 -4.67
C ILE A 23 9.63 3.40 -4.78
N GLU A 24 10.47 2.77 -5.58
CA GLU A 24 11.86 3.27 -5.73
C GLU A 24 11.84 4.70 -6.29
N LYS A 25 10.86 4.94 -7.14
CA LYS A 25 10.73 6.27 -7.77
C LYS A 25 10.62 7.31 -6.63
N ASN A 26 9.63 7.13 -5.75
CA ASN A 26 9.39 8.05 -4.64
C ASN A 26 10.66 8.35 -3.85
N LYS A 27 11.50 7.35 -3.80
CA LYS A 27 12.74 7.52 -3.04
C LYS A 27 13.50 8.75 -3.55
N TYR A 28 13.90 8.68 -4.80
CA TYR A 28 14.69 9.74 -5.42
C TYR A 28 13.91 11.07 -5.54
N GLU A 29 12.73 11.17 -4.90
CA GLU A 29 11.92 12.42 -4.97
C GLU A 29 11.08 12.66 -3.70
N LEU A 30 11.25 11.76 -2.71
CA LEU A 30 10.58 11.82 -1.41
C LEU A 30 11.72 11.78 -0.38
N SER A 31 11.64 10.93 0.67
CA SER A 31 12.77 10.77 1.60
C SER A 31 12.34 10.07 2.89
N ASP A 32 13.34 9.45 3.52
CA ASP A 32 13.13 8.62 4.69
C ASP A 32 12.06 9.24 5.63
N ASP A 33 12.27 10.48 6.03
CA ASP A 33 11.40 11.18 6.99
C ASP A 33 9.90 11.04 6.65
N GLU A 34 9.74 11.11 5.34
CA GLU A 34 8.45 11.04 4.63
C GLU A 34 8.00 9.59 4.38
N LEU A 35 8.90 8.78 3.84
CA LEU A 35 8.59 7.41 3.42
C LEU A 35 7.67 6.68 4.42
N GLU A 36 7.59 7.12 5.68
CA GLU A 36 6.76 6.38 6.64
C GLU A 36 5.34 6.25 6.05
N LEU A 37 4.99 7.38 5.46
CA LEU A 37 3.69 7.57 4.81
C LEU A 37 3.54 6.46 3.77
N PHE A 38 4.52 6.37 2.91
CA PHE A 38 4.54 5.40 1.82
C PHE A 38 4.55 3.95 2.32
N TYR A 39 5.29 3.72 3.41
CA TYR A 39 5.34 2.36 4.00
C TYR A 39 4.06 2.08 4.78
N SER A 40 3.77 2.92 5.74
CA SER A 40 2.57 2.78 6.55
C SER A 40 1.32 2.69 5.68
N ALA A 41 1.32 3.48 4.59
CA ALA A 41 0.15 3.53 3.69
C ALA A 41 0.12 2.34 2.71
N ALA A 42 1.18 2.19 1.92
CA ALA A 42 1.23 1.15 0.87
C ALA A 42 0.88 -0.26 1.33
N ASP A 43 1.28 -0.61 2.55
CA ASP A 43 1.04 -1.96 3.06
C ASP A 43 -0.46 -2.30 2.93
N HIS A 44 -1.29 -1.37 3.39
CA HIS A 44 -2.75 -1.56 3.38
C HIS A 44 -3.22 -2.18 2.05
N ARG A 45 -2.63 -1.69 0.98
CA ARG A 45 -2.94 -2.11 -0.39
C ARG A 45 -2.40 -3.53 -0.72
N LEU A 46 -1.58 -4.10 0.16
CA LEU A 46 -1.01 -5.46 -0.10
C LEU A 46 -2.01 -6.63 0.16
N ALA A 47 -2.64 -6.67 1.34
CA ALA A 47 -3.57 -7.78 1.69
C ALA A 47 -4.76 -7.88 0.71
N GLU A 48 -5.23 -6.72 0.31
CA GLU A 48 -6.32 -6.68 -0.67
C GLU A 48 -5.79 -7.37 -1.95
N LEU A 49 -4.65 -6.90 -2.45
CA LEU A 49 -4.02 -7.47 -3.64
C LEU A 49 -3.76 -8.98 -3.48
N THR A 50 -3.41 -9.38 -2.26
CA THR A 50 -3.12 -10.80 -2.01
C THR A 50 -4.30 -11.64 -2.46
N MET A 51 -5.52 -11.11 -2.29
CA MET A 51 -6.75 -11.77 -2.78
C MET A 51 -7.14 -10.99 -4.04
N ASN A 52 -8.10 -10.07 -3.94
CA ASN A 52 -8.46 -9.24 -5.09
C ASN A 52 -9.58 -8.24 -4.76
N LYS A 53 -9.86 -8.00 -3.47
CA LYS A 53 -10.92 -7.05 -3.06
C LYS A 53 -10.30 -5.75 -2.54
N LEU A 54 -10.86 -5.22 -1.46
CA LEU A 54 -10.42 -3.94 -0.88
C LEU A 54 -10.30 -4.03 0.65
N TYR A 55 -9.10 -3.86 1.23
CA TYR A 55 -8.96 -3.87 2.72
C TYR A 55 -9.12 -2.42 3.18
N ASP A 56 -8.41 -1.96 4.24
CA ASP A 56 -8.48 -0.56 4.74
C ASP A 56 -8.33 -0.51 6.29
N LYS A 57 -7.18 -0.99 6.80
CA LYS A 57 -6.76 -0.97 8.22
C LYS A 57 -6.17 -2.36 8.40
N ILE A 58 -4.85 -2.60 8.56
CA ILE A 58 -4.34 -4.01 8.66
C ILE A 58 -3.69 -4.30 10.05
N PRO A 59 -4.24 -5.18 10.87
CA PRO A 59 -3.55 -5.58 12.13
C PRO A 59 -2.12 -6.08 11.83
N PRO A 60 -1.21 -6.01 12.76
CA PRO A 60 0.20 -6.48 12.55
C PRO A 60 0.27 -7.99 12.28
N THR A 61 -0.85 -8.65 12.55
CA THR A 61 -0.98 -10.11 12.38
C THR A 61 -0.81 -10.56 10.93
N VAL A 62 -1.42 -9.81 10.02
CA VAL A 62 -1.42 -10.15 8.61
C VAL A 62 -0.03 -10.15 7.95
N TRP A 63 0.74 -9.07 8.14
CA TRP A 63 2.04 -8.97 7.44
C TRP A 63 2.90 -10.23 7.67
N GLN A 64 2.51 -11.06 8.67
CA GLN A 64 3.22 -12.37 8.90
C GLN A 64 2.59 -13.50 8.08
N HIS A 65 1.26 -13.48 7.93
CA HIS A 65 0.55 -14.54 7.19
C HIS A 65 0.17 -14.08 5.79
N VAL A 66 -0.54 -12.97 5.70
CA VAL A 66 -0.97 -12.47 4.41
C VAL A 66 -1.69 -13.57 3.63
N LYS A 67 -2.64 -14.23 4.31
CA LYS A 67 -3.42 -15.33 3.70
C LYS A 67 -4.81 -15.40 4.34
N HIS A 68 -4.86 -15.25 5.66
CA HIS A 68 -6.13 -15.29 6.38
C HIS A 68 -7.05 -14.15 5.97
N HIS A 69 -8.36 -14.38 6.11
CA HIS A 69 -9.35 -13.37 5.75
C HIS A 69 -10.74 -13.87 6.13
N HIS A 70 -11.78 -13.12 5.76
CA HIS A 70 -13.15 -13.50 6.09
C HIS A 70 -14.13 -12.82 5.13
N HIS A 71 -15.01 -13.62 4.53
CA HIS A 71 -16.00 -13.08 3.60
C HIS A 71 -17.02 -12.22 4.35
N HIS A 72 -17.65 -11.29 3.63
CA HIS A 72 -18.63 -10.41 4.24
C HIS A 72 -19.40 -9.64 3.17
N HIS A 73 -20.56 -9.11 3.56
CA HIS A 73 -21.38 -8.35 2.62
C HIS A 73 -20.60 -7.16 2.07
N GLY A 1 -0.07 18.00 1.34
CA GLY A 1 0.74 16.76 1.20
C GLY A 1 0.23 15.70 2.16
N THR A 2 -1.10 15.61 2.26
CA THR A 2 -1.73 14.63 3.15
C THR A 2 -1.69 13.23 2.53
N LYS A 3 -1.94 12.24 3.38
CA LYS A 3 -1.95 10.83 2.96
C LYS A 3 -3.07 10.54 1.94
N THR A 4 -4.06 11.40 1.81
CA THR A 4 -5.09 11.18 0.80
C THR A 4 -4.44 10.89 -0.57
N ASP A 5 -3.60 11.81 -1.03
CA ASP A 5 -2.89 11.68 -2.31
C ASP A 5 -2.12 10.37 -2.45
N TYR A 6 -1.48 9.98 -1.36
CA TYR A 6 -0.69 8.74 -1.30
C TYR A 6 -1.56 7.51 -1.49
N LEU A 7 -2.49 7.32 -0.57
CA LEU A 7 -3.35 6.15 -0.59
C LEU A 7 -4.13 6.05 -1.90
N MET A 8 -4.56 7.20 -2.46
CA MET A 8 -5.36 7.12 -3.70
C MET A 8 -4.44 6.74 -4.86
N ARG A 9 -3.45 7.60 -5.13
CA ARG A 9 -2.54 7.39 -6.25
C ARG A 9 -1.87 6.02 -6.19
N LEU A 10 -1.29 5.69 -5.05
CA LEU A 10 -0.58 4.42 -4.90
C LEU A 10 -1.47 3.20 -5.14
N ARG A 11 -2.77 3.28 -4.89
CA ARG A 11 -3.67 2.13 -5.05
C ARG A 11 -4.05 1.81 -6.50
N LYS A 12 -3.73 2.69 -7.47
CA LYS A 12 -4.08 2.43 -8.90
C LYS A 12 -2.91 1.77 -9.65
N CYS A 13 -1.75 1.59 -9.03
CA CYS A 13 -0.62 0.94 -9.73
C CYS A 13 -1.10 -0.31 -10.47
N THR A 14 -2.13 -0.93 -9.92
CA THR A 14 -2.75 -2.13 -10.50
C THR A 14 -1.83 -3.36 -10.50
N THR A 15 -0.53 -3.21 -10.22
CA THR A 15 0.39 -4.36 -10.20
C THR A 15 1.40 -4.26 -9.06
N ILE A 16 1.55 -5.37 -8.37
CA ILE A 16 2.44 -5.39 -7.20
C ILE A 16 3.84 -4.90 -7.63
N ASP A 17 4.42 -5.55 -8.63
CA ASP A 17 5.77 -5.23 -9.12
C ASP A 17 5.92 -3.78 -9.60
N THR A 18 4.80 -3.11 -9.89
CA THR A 18 4.87 -1.70 -10.34
C THR A 18 5.20 -0.83 -9.12
N LEU A 19 4.50 -1.06 -8.02
CA LEU A 19 4.69 -0.27 -6.79
C LEU A 19 6.19 -0.05 -6.51
N GLU A 20 6.99 -1.00 -6.92
CA GLU A 20 8.46 -0.88 -6.82
C GLU A 20 8.92 0.29 -7.70
N ARG A 21 8.52 0.25 -8.96
CA ARG A 21 9.01 1.25 -9.91
C ARG A 21 8.87 2.68 -9.37
N VAL A 22 7.71 3.05 -8.83
CA VAL A 22 7.51 4.42 -8.30
C VAL A 22 8.30 4.68 -7.00
N ILE A 23 8.17 3.78 -6.04
CA ILE A 23 8.79 3.99 -4.71
C ILE A 23 10.23 4.54 -4.84
N GLU A 24 11.08 4.05 -5.75
CA GLU A 24 12.43 4.65 -5.87
C GLU A 24 12.29 6.17 -6.07
N LYS A 25 11.49 6.53 -7.06
CA LYS A 25 11.37 7.96 -7.43
C LYS A 25 11.16 8.81 -6.15
N ASN A 26 10.15 8.46 -5.36
CA ASN A 26 9.85 9.18 -4.11
C ASN A 26 11.06 9.31 -3.18
N LYS A 27 11.93 8.33 -3.30
CA LYS A 27 13.06 8.19 -2.39
C LYS A 27 13.88 9.49 -2.18
N TYR A 28 14.33 10.18 -3.24
CA TYR A 28 15.15 11.41 -3.07
C TYR A 28 14.34 12.72 -3.23
N GLU A 29 13.01 12.62 -3.35
CA GLU A 29 12.16 13.84 -3.55
C GLU A 29 11.11 14.07 -2.45
N LEU A 30 10.98 13.16 -1.45
CA LEU A 30 9.98 13.34 -0.35
C LEU A 30 10.78 13.62 0.91
N SER A 31 11.26 12.60 1.60
CA SER A 31 12.11 12.83 2.76
C SER A 31 12.32 11.49 3.46
N ASP A 32 13.24 11.41 4.42
CA ASP A 32 13.46 10.13 5.07
C ASP A 32 12.34 9.76 6.07
N ASP A 33 12.14 10.52 7.15
CA ASP A 33 11.18 10.07 8.19
C ASP A 33 9.79 9.90 7.58
N GLU A 34 9.59 10.78 6.61
CA GLU A 34 8.34 10.87 5.88
C GLU A 34 8.02 9.50 5.30
N LEU A 35 8.99 8.89 4.63
CA LEU A 35 8.77 7.61 3.97
C LEU A 35 7.93 6.63 4.84
N GLU A 36 7.83 6.85 6.15
CA GLU A 36 6.98 5.93 6.94
C GLU A 36 5.56 5.99 6.37
N LEU A 37 5.22 7.19 5.90
CA LEU A 37 3.91 7.44 5.28
C LEU A 37 3.80 6.47 4.09
N PHE A 38 4.78 6.58 3.21
CA PHE A 38 4.85 5.80 1.97
C PHE A 38 4.91 4.28 2.22
N TYR A 39 5.56 3.88 3.30
CA TYR A 39 5.58 2.46 3.69
C TYR A 39 4.32 2.11 4.48
N SER A 40 4.04 2.85 5.51
CA SER A 40 2.85 2.60 6.30
C SER A 40 1.58 2.66 5.45
N ALA A 41 1.56 3.59 4.48
CA ALA A 41 0.36 3.74 3.62
C ALA A 41 0.32 2.64 2.54
N ALA A 42 1.36 2.62 1.70
CA ALA A 42 1.43 1.69 0.57
C ALA A 42 1.17 0.21 0.90
N ASP A 43 1.61 -0.24 2.07
CA ASP A 43 1.42 -1.66 2.42
C ASP A 43 -0.06 -2.04 2.24
N HIS A 44 -0.91 -1.18 2.78
CA HIS A 44 -2.37 -1.40 2.77
C HIS A 44 -2.82 -1.94 1.39
N ARG A 45 -2.22 -1.42 0.33
CA ARG A 45 -2.53 -1.82 -1.05
C ARG A 45 -2.02 -3.26 -1.36
N LEU A 46 -1.16 -3.82 -0.53
CA LEU A 46 -0.64 -5.18 -0.79
C LEU A 46 -1.67 -6.30 -0.43
N ALA A 47 -2.23 -6.27 0.78
CA ALA A 47 -3.19 -7.33 1.23
C ALA A 47 -4.41 -7.44 0.28
N GLU A 48 -4.82 -6.28 -0.18
CA GLU A 48 -5.93 -6.24 -1.15
C GLU A 48 -5.45 -6.99 -2.41
N LEU A 49 -4.29 -6.61 -2.93
CA LEU A 49 -3.70 -7.26 -4.10
C LEU A 49 -3.48 -8.75 -3.85
N THR A 50 -3.06 -9.12 -2.63
CA THR A 50 -2.78 -10.52 -2.33
C THR A 50 -4.01 -11.37 -2.70
N MET A 51 -5.22 -10.82 -2.49
CA MET A 51 -6.46 -11.51 -2.91
C MET A 51 -6.84 -10.88 -4.25
N ASN A 52 -7.67 -9.83 -4.24
CA ASN A 52 -8.02 -9.10 -5.47
C ASN A 52 -9.16 -8.10 -5.20
N LYS A 53 -9.34 -7.66 -3.93
CA LYS A 53 -10.43 -6.71 -3.57
C LYS A 53 -9.86 -5.35 -3.11
N LEU A 54 -10.48 -4.75 -2.10
CA LEU A 54 -10.10 -3.42 -1.59
C LEU A 54 -10.02 -3.40 -0.06
N TYR A 55 -8.82 -3.35 0.54
CA TYR A 55 -8.73 -3.31 2.02
C TYR A 55 -8.97 -1.83 2.42
N ASP A 56 -8.36 -1.32 3.53
CA ASP A 56 -8.52 0.09 3.96
C ASP A 56 -8.36 0.23 5.49
N LYS A 57 -7.19 -0.16 6.00
CA LYS A 57 -6.74 -0.07 7.40
C LYS A 57 -6.19 -1.47 7.68
N ILE A 58 -4.87 -1.74 7.92
CA ILE A 58 -4.42 -3.16 8.15
C ILE A 58 -3.89 -3.39 9.59
N PRO A 59 -4.50 -4.28 10.38
CA PRO A 59 -3.92 -4.64 11.71
C PRO A 59 -2.46 -5.12 11.52
N PRO A 60 -1.64 -5.03 12.52
CA PRO A 60 -0.20 -5.48 12.44
C PRO A 60 -0.07 -7.00 12.26
N THR A 61 -1.19 -7.69 12.48
CA THR A 61 -1.28 -9.16 12.39
C THR A 61 -1.05 -9.71 10.98
N VAL A 62 -1.49 -8.95 9.99
CA VAL A 62 -1.46 -9.36 8.58
C VAL A 62 -0.08 -9.43 7.89
N TRP A 63 0.73 -8.37 7.96
CA TRP A 63 2.01 -8.36 7.22
C TRP A 63 2.92 -9.53 7.57
N GLN A 64 2.63 -10.21 8.69
CA GLN A 64 3.38 -11.46 9.04
C GLN A 64 2.72 -12.66 8.35
N HIS A 65 1.40 -12.55 8.09
CA HIS A 65 0.62 -13.62 7.44
C HIS A 65 0.33 -13.31 5.97
N VAL A 66 -0.45 -12.25 5.72
CA VAL A 66 -0.81 -11.88 4.37
C VAL A 66 -1.59 -13.02 3.71
N LYS A 67 -2.59 -13.52 4.44
CA LYS A 67 -3.43 -14.63 3.96
C LYS A 67 -4.80 -14.59 4.62
N HIS A 68 -4.82 -14.38 5.93
CA HIS A 68 -6.07 -14.34 6.67
C HIS A 68 -6.99 -13.23 6.16
N HIS A 69 -8.30 -13.48 6.23
CA HIS A 69 -9.30 -12.51 5.79
C HIS A 69 -10.69 -13.03 6.14
N HIS A 70 -11.73 -12.25 5.79
CA HIS A 70 -13.10 -12.65 6.07
C HIS A 70 -14.07 -11.92 5.16
N HIS A 71 -15.04 -12.66 4.62
CA HIS A 71 -16.03 -12.06 3.73
C HIS A 71 -16.97 -11.15 4.50
N HIS A 72 -17.60 -10.21 3.80
CA HIS A 72 -18.51 -9.28 4.45
C HIS A 72 -19.26 -8.45 3.41
N HIS A 73 -20.48 -8.06 3.75
CA HIS A 73 -21.30 -7.27 2.83
C HIS A 73 -20.55 -6.03 2.37
N GLY A 1 0.09 17.73 1.51
CA GLY A 1 0.98 16.54 1.49
C GLY A 1 0.43 15.45 2.41
N THR A 2 -0.90 15.31 2.41
CA THR A 2 -1.55 14.31 3.24
C THR A 2 -1.39 12.92 2.64
N LYS A 3 -1.60 11.89 3.46
CA LYS A 3 -1.47 10.49 3.04
C LYS A 3 -2.46 10.12 1.92
N THR A 4 -3.49 10.92 1.67
CA THR A 4 -4.40 10.62 0.56
C THR A 4 -3.59 10.37 -0.73
N ASP A 5 -2.79 11.36 -1.14
CA ASP A 5 -1.95 11.27 -2.34
C ASP A 5 -1.06 10.03 -2.38
N TYR A 6 -0.54 9.68 -1.22
CA TYR A 6 0.33 8.51 -1.05
C TYR A 6 -0.41 7.21 -1.27
N LEU A 7 -1.43 6.98 -0.46
CA LEU A 7 -2.19 5.75 -0.56
C LEU A 7 -2.90 5.65 -1.89
N MET A 8 -3.44 6.76 -2.40
CA MET A 8 -4.19 6.63 -3.66
C MET A 8 -3.18 6.28 -4.74
N ARG A 9 -2.19 7.14 -4.94
CA ARG A 9 -1.21 6.93 -5.99
C ARG A 9 -0.60 5.53 -5.92
N LEU A 10 -0.19 5.10 -4.73
CA LEU A 10 0.38 3.76 -4.57
C LEU A 10 -0.68 2.69 -4.81
N ARG A 11 -1.78 2.81 -4.05
CA ARG A 11 -2.81 1.76 -4.06
C ARG A 11 -3.29 1.47 -5.50
N LYS A 12 -3.07 2.40 -6.45
CA LYS A 12 -3.48 2.15 -7.86
C LYS A 12 -2.29 1.62 -8.68
N CYS A 13 -1.11 1.47 -8.04
CA CYS A 13 0.08 0.96 -8.74
C CYS A 13 -0.29 -0.23 -9.62
N THR A 14 -1.04 -1.17 -9.03
CA THR A 14 -1.54 -2.35 -9.75
C THR A 14 -0.54 -3.52 -9.79
N THR A 15 0.76 -3.28 -9.50
CA THR A 15 1.75 -4.38 -9.55
C THR A 15 2.78 -4.27 -8.43
N ILE A 16 3.10 -5.42 -7.84
CA ILE A 16 4.09 -5.44 -6.76
C ILE A 16 5.46 -5.07 -7.33
N ASP A 17 5.94 -5.83 -8.29
CA ASP A 17 7.29 -5.63 -8.83
C ASP A 17 7.52 -4.17 -9.28
N THR A 18 6.40 -3.49 -9.55
CA THR A 18 6.46 -2.07 -9.96
C THR A 18 6.70 -1.21 -8.72
N LEU A 19 5.95 -1.49 -7.66
CA LEU A 19 6.04 -0.71 -6.41
C LEU A 19 7.51 -0.40 -6.08
N GLU A 20 8.38 -1.32 -6.44
CA GLU A 20 9.83 -1.12 -6.26
C GLU A 20 10.29 0.06 -7.13
N ARG A 21 9.97 -0.03 -8.40
CA ARG A 21 10.45 0.97 -9.36
C ARG A 21 10.23 2.40 -8.84
N VAL A 22 9.03 2.72 -8.36
CA VAL A 22 8.73 4.07 -7.87
C VAL A 22 9.49 4.40 -6.55
N ILE A 23 9.41 3.50 -5.58
CA ILE A 23 9.98 3.77 -4.24
C ILE A 23 11.39 4.42 -4.35
N GLU A 24 12.29 3.88 -5.17
CA GLU A 24 13.64 4.47 -5.31
C GLU A 24 13.54 5.94 -5.82
N LYS A 25 12.51 6.18 -6.61
CA LYS A 25 12.32 7.54 -7.14
C LYS A 25 12.08 8.49 -5.93
N ASN A 26 11.08 8.18 -5.12
CA ASN A 26 10.72 8.95 -3.92
C ASN A 26 11.88 9.19 -2.97
N LYS A 27 12.81 8.26 -3.04
CA LYS A 27 13.91 8.22 -2.07
C LYS A 27 14.64 9.56 -1.88
N TYR A 28 15.16 10.22 -2.93
CA TYR A 28 15.90 11.51 -2.73
C TYR A 28 15.04 12.74 -3.05
N GLU A 29 13.75 12.58 -3.31
CA GLU A 29 12.87 13.72 -3.68
C GLU A 29 11.71 13.96 -2.71
N LEU A 30 11.58 13.16 -1.63
CA LEU A 30 10.46 13.32 -0.66
C LEU A 30 11.07 13.80 0.66
N SER A 31 11.50 12.89 1.53
CA SER A 31 12.15 13.31 2.75
C SER A 31 12.37 12.05 3.59
N ASP A 32 13.35 12.01 4.47
CA ASP A 32 13.55 10.78 5.23
C ASP A 32 12.41 10.47 6.23
N ASP A 33 12.18 11.32 7.23
CA ASP A 33 11.20 10.93 8.28
C ASP A 33 9.87 10.53 7.63
N GLU A 34 9.73 11.18 6.48
CA GLU A 34 8.56 11.04 5.62
C GLU A 34 8.46 9.60 5.15
N LEU A 35 9.55 9.03 4.65
CA LEU A 35 9.52 7.67 4.08
C LEU A 35 8.66 6.73 4.96
N GLU A 36 8.45 7.04 6.25
CA GLU A 36 7.63 6.13 7.07
C GLU A 36 6.24 6.04 6.43
N LEU A 37 5.86 7.19 5.89
CA LEU A 37 4.56 7.32 5.21
C LEU A 37 4.53 6.27 4.10
N PHE A 38 5.53 6.32 3.26
CA PHE A 38 5.67 5.43 2.10
C PHE A 38 5.77 3.94 2.51
N TYR A 39 6.43 3.71 3.63
CA TYR A 39 6.55 2.33 4.17
C TYR A 39 5.28 1.93 4.91
N SER A 40 4.91 2.70 5.89
CA SER A 40 3.71 2.42 6.67
C SER A 40 2.47 2.35 5.78
N ALA A 41 2.46 3.19 4.73
CA ALA A 41 1.28 3.23 3.82
C ALA A 41 1.30 2.07 2.83
N ALA A 42 2.37 2.00 2.05
CA ALA A 42 2.49 1.02 0.96
C ALA A 42 2.19 -0.43 1.37
N ASP A 43 2.57 -0.83 2.58
CA ASP A 43 2.34 -2.22 3.01
C ASP A 43 0.87 -2.60 2.80
N HIS A 44 0.01 -1.71 3.24
CA HIS A 44 -1.44 -1.92 3.17
C HIS A 44 -1.83 -2.51 1.80
N ARG A 45 -1.24 -1.96 0.77
CA ARG A 45 -1.45 -2.35 -0.63
C ARG A 45 -0.84 -3.73 -0.98
N LEU A 46 0.01 -4.28 -0.12
CA LEU A 46 0.63 -5.59 -0.41
C LEU A 46 -0.33 -6.79 -0.19
N ALA A 47 -1.00 -6.87 0.98
CA ALA A 47 -1.90 -8.01 1.29
C ALA A 47 -3.03 -8.18 0.26
N GLU A 48 -3.53 -7.05 -0.19
CA GLU A 48 -4.57 -7.08 -1.23
C GLU A 48 -3.95 -7.75 -2.46
N LEU A 49 -2.81 -7.23 -2.89
CA LEU A 49 -2.10 -7.78 -4.05
C LEU A 49 -1.79 -9.26 -3.87
N THR A 50 -1.45 -9.67 -2.63
CA THR A 50 -1.12 -11.08 -2.38
C THR A 50 -2.28 -11.95 -2.86
N MET A 51 -3.51 -11.44 -2.72
CA MET A 51 -4.71 -12.14 -3.21
C MET A 51 -5.08 -11.41 -4.52
N ASN A 52 -6.09 -10.54 -4.48
CA ASN A 52 -6.44 -9.76 -5.67
C ASN A 52 -7.64 -8.83 -5.42
N LYS A 53 -7.95 -8.53 -4.15
CA LYS A 53 -9.10 -7.65 -3.82
C LYS A 53 -8.60 -6.31 -3.30
N LEU A 54 -9.27 -5.77 -2.27
CA LEU A 54 -8.94 -4.44 -1.73
C LEU A 54 -8.89 -4.44 -0.20
N TYR A 55 -7.70 -4.32 0.40
CA TYR A 55 -7.62 -4.28 1.89
C TYR A 55 -7.82 -2.80 2.29
N ASP A 56 -7.14 -2.29 3.36
CA ASP A 56 -7.25 -0.87 3.78
C ASP A 56 -7.12 -0.67 5.31
N LYS A 57 -5.92 -0.89 5.84
CA LYS A 57 -5.53 -0.68 7.26
C LYS A 57 -5.26 -2.06 7.85
N ILE A 58 -4.04 -2.64 7.99
CA ILE A 58 -3.91 -4.05 8.51
C ILE A 58 -3.02 -4.22 9.80
N PRO A 59 -3.40 -5.08 10.77
CA PRO A 59 -2.52 -5.40 11.95
C PRO A 59 -1.10 -5.84 11.52
N PRO A 60 -0.11 -5.73 12.39
CA PRO A 60 1.29 -6.17 12.08
C PRO A 60 1.34 -7.71 11.90
N THR A 61 0.27 -8.36 12.34
CA THR A 61 0.12 -9.82 12.27
C THR A 61 0.25 -10.36 10.85
N VAL A 62 -0.43 -9.71 9.93
CA VAL A 62 -0.47 -10.10 8.53
C VAL A 62 0.90 -10.08 7.84
N TRP A 63 1.62 -8.96 7.96
CA TRP A 63 2.91 -8.82 7.29
C TRP A 63 3.89 -9.92 7.68
N GLN A 64 3.57 -10.66 8.77
CA GLN A 64 4.39 -11.85 9.17
C GLN A 64 3.88 -13.10 8.42
N HIS A 65 2.58 -13.12 8.08
CA HIS A 65 1.95 -14.26 7.39
C HIS A 65 1.65 -13.97 5.92
N VAL A 66 0.86 -12.93 5.67
CA VAL A 66 0.50 -12.56 4.31
C VAL A 66 -0.20 -13.73 3.61
N LYS A 67 -1.19 -14.33 4.29
CA LYS A 67 -1.94 -15.47 3.75
C LYS A 67 -3.36 -15.47 4.29
N HIS A 68 -3.48 -15.39 5.61
CA HIS A 68 -4.79 -15.40 6.25
C HIS A 68 -5.73 -14.37 5.62
N HIS A 69 -7.01 -14.73 5.51
CA HIS A 69 -8.01 -13.86 4.94
C HIS A 69 -9.40 -14.47 5.11
N HIS A 70 -10.42 -13.83 4.56
CA HIS A 70 -11.79 -14.33 4.67
C HIS A 70 -12.67 -13.77 3.55
N HIS A 71 -13.50 -14.62 2.97
CA HIS A 71 -14.39 -14.20 1.90
C HIS A 71 -15.52 -13.34 2.45
N HIS A 72 -16.10 -12.51 1.59
CA HIS A 72 -17.19 -11.63 2.02
C HIS A 72 -17.79 -10.93 0.81
N HIS A 73 -19.05 -10.50 0.95
CA HIS A 73 -19.73 -9.81 -0.14
C HIS A 73 -18.97 -8.55 -0.54
#